data_1VIB
#
_entry.id   1VIB
#
_cell.length_a   1.000
_cell.length_b   1.000
_cell.length_c   1.000
_cell.angle_alpha   90.00
_cell.angle_beta   90.00
_cell.angle_gamma   90.00
#
_symmetry.space_group_name_H-M   'P 1'
#
_entity_poly.entity_id   1
_entity_poly.type   'polypeptide(L)'
_entity_poly.pdbx_seq_one_letter_code
;ASATWGAAY(HYP)ACENNCRKKYDLCIRCQGKWAGKRGKCAAHCIIQKNNCKGKCKKE
;
_entity_poly.pdbx_strand_id   A
#
# COMPACT_ATOMS: atom_id res chain seq x y z
N ALA A 1 -1.35 -20.75 16.21
CA ALA A 1 -0.83 -21.25 17.51
C ALA A 1 -0.72 -20.08 18.51
N SER A 2 -0.22 -18.98 18.02
CA SER A 2 -0.07 -17.76 18.87
C SER A 2 -0.30 -16.48 18.06
N ALA A 3 0.54 -16.26 17.07
CA ALA A 3 0.38 -15.03 16.24
C ALA A 3 -0.63 -15.32 15.13
N THR A 4 -1.83 -15.54 15.55
CA THR A 4 -2.95 -15.85 14.60
C THR A 4 -3.92 -14.66 14.41
N TRP A 5 -3.44 -13.65 13.74
CA TRP A 5 -4.26 -12.42 13.48
C TRP A 5 -4.25 -12.07 11.98
N GLY A 6 -4.95 -11.02 11.62
CA GLY A 6 -5.00 -10.58 10.19
C GLY A 6 -6.41 -10.60 9.59
N ALA A 7 -7.21 -11.51 10.06
CA ALA A 7 -8.61 -11.61 9.55
C ALA A 7 -9.53 -10.72 10.39
N ALA A 8 -8.94 -10.01 11.31
CA ALA A 8 -9.73 -9.10 12.19
C ALA A 8 -9.61 -7.65 11.67
N TYR A 9 -8.41 -7.26 11.31
CA TYR A 9 -8.20 -5.87 10.79
C TYR A 9 -8.06 -5.70 9.27
N ALA A 11 -8.81 -5.05 6.37
CA ALA A 11 -9.12 -3.76 5.68
C ALA A 11 -7.96 -2.76 5.90
N CYS A 12 -7.65 -2.59 7.16
CA CYS A 12 -6.57 -1.69 7.68
C CYS A 12 -5.32 -1.64 6.79
N GLU A 13 -5.09 -2.77 6.18
CA GLU A 13 -3.93 -2.96 5.26
C GLU A 13 -4.40 -3.01 3.80
N ASN A 14 -5.46 -3.74 3.58
CA ASN A 14 -6.02 -3.86 2.19
C ASN A 14 -6.25 -2.47 1.58
N ASN A 15 -6.64 -1.57 2.42
CA ASN A 15 -6.91 -0.16 2.02
C ASN A 15 -5.69 0.40 1.29
N CYS A 16 -4.51 0.05 1.75
CA CYS A 16 -3.27 0.53 1.13
C CYS A 16 -2.94 -0.32 -0.07
N ARG A 17 -3.50 -1.49 -0.15
CA ARG A 17 -3.18 -2.35 -1.35
C ARG A 17 -3.86 -1.62 -2.50
N LYS A 18 -5.13 -1.35 -2.26
CA LYS A 18 -5.91 -0.63 -3.31
C LYS A 18 -5.16 0.69 -3.49
N LYS A 19 -5.02 1.44 -2.42
CA LYS A 19 -4.31 2.76 -2.47
C LYS A 19 -3.06 2.71 -3.37
N TYR A 20 -2.16 1.81 -3.07
CA TYR A 20 -0.90 1.65 -3.85
C TYR A 20 -1.22 1.59 -5.35
N ASP A 21 -2.25 0.85 -5.62
CA ASP A 21 -2.70 0.66 -7.01
C ASP A 21 -3.57 1.83 -7.47
N LEU A 22 -4.03 2.61 -6.55
CA LEU A 22 -4.88 3.80 -6.89
C LEU A 22 -4.02 5.08 -6.73
N CYS A 23 -2.75 4.86 -6.45
CA CYS A 23 -1.76 5.96 -6.25
C CYS A 23 -0.77 6.06 -7.43
N ILE A 24 -0.62 4.98 -8.15
CA ILE A 24 0.33 5.00 -9.31
C ILE A 24 -0.25 5.79 -10.50
N ARG A 25 -0.26 7.08 -10.32
CA ARG A 25 -0.76 8.00 -11.36
C ARG A 25 0.51 8.43 -12.04
N CYS A 26 1.16 7.44 -12.59
CA CYS A 26 2.45 7.69 -13.31
C CYS A 26 2.28 8.71 -14.43
N GLN A 27 1.03 8.91 -14.74
CA GLN A 27 0.64 9.85 -15.80
C GLN A 27 0.04 11.09 -15.15
N GLY A 28 0.20 12.20 -15.80
CA GLY A 28 -0.35 13.47 -15.24
C GLY A 28 0.29 13.76 -13.89
N LYS A 29 -0.35 13.26 -12.86
CA LYS A 29 0.11 13.43 -11.45
C LYS A 29 1.61 13.17 -11.35
N TRP A 30 2.04 12.06 -11.90
CA TRP A 30 3.50 11.74 -11.86
C TRP A 30 4.15 11.90 -13.25
N ALA A 31 3.75 12.91 -13.97
CA ALA A 31 4.28 13.20 -15.35
C ALA A 31 5.80 13.19 -15.47
N GLY A 32 6.33 12.00 -15.44
CA GLY A 32 7.79 11.81 -15.55
C GLY A 32 8.33 11.22 -14.27
N LYS A 33 7.55 11.33 -13.24
CA LYS A 33 7.98 10.80 -11.92
C LYS A 33 7.75 9.28 -11.88
N ARG A 34 7.35 8.74 -13.00
CA ARG A 34 7.08 7.28 -13.17
C ARG A 34 7.96 6.40 -12.25
N GLY A 35 9.25 6.45 -12.49
CA GLY A 35 10.26 5.67 -11.69
C GLY A 35 9.91 5.54 -10.19
N LYS A 36 9.29 6.58 -9.71
CA LYS A 36 8.88 6.63 -8.29
C LYS A 36 7.36 6.47 -8.17
N CYS A 37 6.58 6.78 -9.20
CA CYS A 37 5.08 6.63 -9.08
C CYS A 37 4.83 5.24 -8.57
N ALA A 38 5.72 4.41 -9.06
CA ALA A 38 5.64 3.00 -8.66
C ALA A 38 6.20 2.84 -7.25
N ALA A 39 7.50 2.68 -7.14
CA ALA A 39 8.15 2.51 -5.80
C ALA A 39 7.37 3.21 -4.67
N HIS A 40 7.24 4.50 -4.87
CA HIS A 40 6.53 5.37 -3.89
C HIS A 40 5.23 4.76 -3.43
N CYS A 41 4.42 4.43 -4.39
CA CYS A 41 3.11 3.84 -4.07
C CYS A 41 3.23 2.45 -3.48
N ILE A 42 4.23 1.70 -3.90
CA ILE A 42 4.33 0.33 -3.31
C ILE A 42 4.67 0.42 -1.81
N ILE A 43 5.55 1.32 -1.47
CA ILE A 43 5.93 1.47 -0.03
C ILE A 43 4.68 1.75 0.81
N GLN A 44 3.60 2.12 0.18
CA GLN A 44 2.37 2.39 1.00
C GLN A 44 1.82 1.03 1.43
N LYS A 45 1.34 0.28 0.46
CA LYS A 45 0.78 -1.08 0.72
C LYS A 45 1.66 -1.84 1.72
N ASN A 46 2.94 -1.58 1.60
CA ASN A 46 3.96 -2.22 2.48
C ASN A 46 4.10 -1.58 3.86
N ASN A 47 4.00 -0.28 3.95
CA ASN A 47 4.13 0.35 5.30
C ASN A 47 2.95 -0.15 6.13
N CYS A 48 1.83 -0.14 5.47
CA CYS A 48 0.53 -0.59 6.05
C CYS A 48 0.69 -1.95 6.75
N LYS A 49 1.33 -2.85 6.04
CA LYS A 49 1.58 -4.22 6.57
C LYS A 49 2.33 -4.22 7.91
N GLY A 50 2.88 -3.09 8.27
CA GLY A 50 3.64 -2.98 9.57
C GLY A 50 2.81 -2.23 10.61
N LYS A 51 1.68 -1.74 10.19
CA LYS A 51 0.78 -0.99 11.11
C LYS A 51 -0.39 -1.91 11.46
N CYS A 52 -0.77 -2.74 10.54
CA CYS A 52 -1.90 -3.70 10.80
C CYS A 52 -1.42 -5.11 11.14
N LYS A 53 -0.40 -5.56 10.45
CA LYS A 53 0.13 -6.93 10.71
C LYS A 53 1.40 -6.87 11.56
N LYS A 54 1.77 -8.01 12.08
CA LYS A 54 3.00 -8.12 12.94
C LYS A 54 4.09 -8.91 12.21
N GLU A 55 3.77 -9.39 11.03
CA GLU A 55 4.73 -10.18 10.21
C GLU A 55 4.74 -9.68 8.75
N ALA A 1 1.02 -20.32 22.09
CA ALA A 1 0.50 -18.96 21.75
C ALA A 1 0.17 -18.94 20.24
N SER A 2 -0.99 -18.45 19.90
CA SER A 2 -1.41 -18.37 18.47
C SER A 2 -1.57 -16.92 17.98
N ALA A 3 -0.63 -16.45 17.21
CA ALA A 3 -0.72 -15.05 16.71
C ALA A 3 -1.63 -15.12 15.47
N THR A 4 -2.88 -15.31 15.75
CA THR A 4 -3.91 -15.41 14.67
C THR A 4 -4.86 -14.19 14.68
N TRP A 5 -4.39 -13.16 14.06
CA TRP A 5 -5.17 -11.89 13.95
C TRP A 5 -5.09 -11.49 12.47
N GLY A 6 -5.89 -10.54 12.06
CA GLY A 6 -5.84 -10.11 10.62
C GLY A 6 -7.14 -10.23 9.84
N ALA A 7 -7.98 -11.19 10.20
CA ALA A 7 -9.27 -11.33 9.44
C ALA A 7 -10.39 -10.50 10.07
N ALA A 8 -10.00 -9.70 11.04
CA ALA A 8 -10.97 -8.82 11.75
C ALA A 8 -10.82 -7.40 11.21
N TYR A 9 -9.59 -6.97 11.07
CA TYR A 9 -9.30 -5.59 10.56
C TYR A 9 -8.89 -5.42 9.08
N ALA A 11 -9.37 -4.51 6.30
CA ALA A 11 -9.64 -3.20 5.65
C ALA A 11 -8.39 -2.34 5.84
N CYS A 12 -8.01 -2.31 7.10
CA CYS A 12 -6.82 -1.56 7.65
C CYS A 12 -5.58 -1.65 6.76
N GLU A 13 -5.54 -2.72 6.03
CA GLU A 13 -4.41 -3.00 5.10
C GLU A 13 -4.88 -2.95 3.64
N ASN A 14 -6.13 -3.29 3.39
CA ASN A 14 -6.62 -3.25 1.98
C ASN A 14 -6.57 -1.82 1.50
N ASN A 15 -6.87 -0.98 2.43
CA ASN A 15 -6.88 0.48 2.17
C ASN A 15 -5.55 0.90 1.59
N CYS A 16 -4.48 0.35 2.09
CA CYS A 16 -3.16 0.74 1.55
C CYS A 16 -2.73 -0.16 0.39
N ARG A 17 -3.30 -1.33 0.33
CA ARG A 17 -2.86 -2.23 -0.78
C ARG A 17 -3.57 -1.86 -2.06
N LYS A 18 -4.85 -1.67 -1.97
CA LYS A 18 -5.64 -1.29 -3.17
C LYS A 18 -5.04 0.07 -3.50
N LYS A 19 -4.88 0.88 -2.48
CA LYS A 19 -4.31 2.24 -2.70
C LYS A 19 -2.96 2.13 -3.41
N TYR A 20 -2.04 1.27 -3.04
CA TYR A 20 -0.74 1.23 -3.78
C TYR A 20 -1.04 1.07 -5.28
N ASP A 21 -2.06 0.31 -5.54
CA ASP A 21 -2.47 0.06 -6.96
C ASP A 21 -3.38 1.14 -7.48
N LEU A 22 -3.95 1.90 -6.57
CA LEU A 22 -4.87 3.02 -6.98
C LEU A 22 -4.14 4.35 -6.76
N CYS A 23 -2.86 4.26 -6.46
CA CYS A 23 -1.99 5.46 -6.22
C CYS A 23 -1.03 5.63 -7.40
N ILE A 24 -0.74 4.57 -8.10
CA ILE A 24 0.20 4.73 -9.24
C ILE A 24 -0.49 5.46 -10.40
N ARG A 25 -0.45 6.74 -10.21
CA ARG A 25 -1.00 7.74 -11.13
C ARG A 25 0.22 8.24 -11.88
N CYS A 26 1.01 7.33 -12.39
CA CYS A 26 2.25 7.75 -13.14
C CYS A 26 1.97 8.68 -14.32
N GLN A 27 0.73 9.05 -14.44
CA GLN A 27 0.30 9.93 -15.52
C GLN A 27 0.06 11.27 -14.81
N GLY A 28 -1.08 11.84 -15.07
CA GLY A 28 -1.53 13.15 -14.50
C GLY A 28 -0.63 13.84 -13.46
N LYS A 29 -0.57 13.32 -12.27
CA LYS A 29 0.29 13.98 -11.23
C LYS A 29 1.73 13.46 -11.19
N TRP A 30 2.00 12.33 -11.79
CA TRP A 30 3.40 11.79 -11.77
C TRP A 30 3.95 11.81 -13.22
N ALA A 31 3.43 12.70 -14.02
CA ALA A 31 3.86 12.81 -15.44
C ALA A 31 5.32 13.26 -15.55
N GLY A 32 6.15 12.27 -15.42
CA GLY A 32 7.62 12.50 -15.50
C GLY A 32 8.30 12.11 -14.22
N LYS A 33 7.46 11.65 -13.33
CA LYS A 33 7.87 11.20 -11.99
C LYS A 33 7.75 9.64 -12.10
N ARG A 34 7.62 9.18 -13.32
CA ARG A 34 7.49 7.72 -13.59
C ARG A 34 8.76 7.00 -13.13
N GLY A 35 8.53 5.92 -12.45
CA GLY A 35 9.65 5.09 -11.91
C GLY A 35 9.54 5.29 -10.40
N LYS A 36 9.25 6.53 -10.10
CA LYS A 36 9.11 6.95 -8.69
C LYS A 36 7.62 6.74 -8.35
N CYS A 37 6.70 7.14 -9.23
CA CYS A 37 5.21 6.95 -8.94
C CYS A 37 5.09 5.59 -8.29
N ALA A 38 5.69 4.72 -9.05
CA ALA A 38 5.75 3.31 -8.71
C ALA A 38 6.28 3.04 -7.30
N ALA A 39 7.59 3.09 -7.19
CA ALA A 39 8.26 2.86 -5.88
C ALA A 39 7.47 3.48 -4.72
N HIS A 40 7.22 4.75 -4.93
CA HIS A 40 6.46 5.55 -3.94
C HIS A 40 5.20 4.87 -3.49
N CYS A 41 4.39 4.50 -4.45
CA CYS A 41 3.10 3.83 -4.12
C CYS A 41 3.33 2.44 -3.50
N ILE A 42 4.30 1.75 -4.01
CA ILE A 42 4.58 0.39 -3.47
C ILE A 42 4.93 0.44 -1.98
N ILE A 43 5.73 1.40 -1.61
CA ILE A 43 6.11 1.53 -0.18
C ILE A 43 4.83 1.61 0.66
N GLN A 44 3.75 2.04 0.05
CA GLN A 44 2.49 2.15 0.85
C GLN A 44 1.79 0.79 1.07
N LYS A 45 2.21 -0.25 0.40
CA LYS A 45 1.56 -1.59 0.60
C LYS A 45 2.51 -2.37 1.54
N ASN A 46 3.77 -1.98 1.51
CA ASN A 46 4.83 -2.62 2.34
C ASN A 46 4.94 -1.91 3.70
N ASN A 47 4.53 -0.66 3.78
CA ASN A 47 4.64 0.05 5.09
C ASN A 47 3.40 -0.31 5.97
N CYS A 48 2.26 -0.42 5.34
CA CYS A 48 0.98 -0.77 6.04
C CYS A 48 1.12 -2.08 6.85
N LYS A 49 1.85 -3.01 6.26
CA LYS A 49 2.08 -4.32 6.93
C LYS A 49 2.81 -4.15 8.27
N GLY A 50 3.41 -2.99 8.44
CA GLY A 50 4.17 -2.68 9.69
C GLY A 50 3.38 -1.65 10.51
N LYS A 51 2.11 -1.60 10.18
CA LYS A 51 1.16 -0.67 10.86
C LYS A 51 0.05 -1.55 11.45
N CYS A 52 -0.64 -2.28 10.58
CA CYS A 52 -1.74 -3.18 11.04
C CYS A 52 -1.37 -4.67 11.12
N LYS A 53 -0.35 -5.12 10.44
CA LYS A 53 0.00 -6.58 10.52
C LYS A 53 1.38 -6.80 11.16
N LYS A 54 1.88 -8.01 11.05
CA LYS A 54 3.22 -8.36 11.62
C LYS A 54 4.00 -9.16 10.58
N GLU A 55 5.29 -8.97 10.52
CA GLU A 55 6.14 -9.73 9.54
C GLU A 55 7.17 -10.58 10.30
N ALA A 1 -5.76 -18.41 14.44
CA ALA A 1 -4.49 -17.68 14.15
C ALA A 1 -3.41 -18.69 13.72
N SER A 2 -2.52 -18.29 12.84
CA SER A 2 -1.45 -19.23 12.38
C SER A 2 -0.06 -18.57 12.55
N ALA A 3 0.77 -18.76 11.57
CA ALA A 3 2.15 -18.20 11.58
C ALA A 3 2.08 -16.89 10.77
N THR A 4 0.93 -16.65 10.21
CA THR A 4 0.70 -15.43 9.40
C THR A 4 -0.50 -14.76 10.06
N TRP A 5 -0.35 -13.51 10.39
CA TRP A 5 -1.48 -12.75 11.05
C TRP A 5 -2.10 -11.74 10.07
N GLY A 6 -1.46 -11.58 8.94
CA GLY A 6 -1.97 -10.62 7.90
C GLY A 6 -3.45 -10.81 7.54
N ALA A 7 -3.94 -12.02 7.65
CA ALA A 7 -5.38 -12.30 7.32
C ALA A 7 -6.29 -12.11 8.53
N ALA A 8 -5.69 -11.62 9.58
CA ALA A 8 -6.44 -11.36 10.84
C ALA A 8 -6.72 -9.85 10.83
N TYR A 9 -5.69 -9.09 10.57
CA TYR A 9 -5.86 -7.60 10.52
C TYR A 9 -5.93 -6.92 9.13
N ALA A 11 -7.64 -5.34 7.28
CA ALA A 11 -8.24 -3.99 7.18
C ALA A 11 -7.16 -2.93 7.33
N CYS A 12 -5.95 -3.39 7.53
CA CYS A 12 -4.81 -2.48 7.69
C CYS A 12 -4.00 -2.38 6.38
N GLU A 13 -4.40 -3.11 5.38
CA GLU A 13 -3.67 -3.07 4.06
C GLU A 13 -4.65 -2.66 2.95
N ASN A 14 -5.78 -3.34 2.95
CA ASN A 14 -6.87 -3.09 1.95
C ASN A 14 -6.95 -1.61 1.52
N ASN A 15 -7.08 -0.81 2.54
CA ASN A 15 -7.18 0.68 2.46
C ASN A 15 -6.02 1.22 1.62
N CYS A 16 -4.84 0.75 1.89
CA CYS A 16 -3.65 1.23 1.13
C CYS A 16 -3.38 0.37 -0.11
N ARG A 17 -4.14 -0.67 -0.29
CA ARG A 17 -3.94 -1.54 -1.49
C ARG A 17 -4.70 -0.80 -2.58
N LYS A 18 -5.99 -0.67 -2.40
CA LYS A 18 -6.79 0.06 -3.45
C LYS A 18 -6.10 1.40 -3.69
N LYS A 19 -5.71 2.00 -2.60
CA LYS A 19 -5.02 3.32 -2.69
C LYS A 19 -3.64 3.14 -3.34
N TYR A 20 -2.93 2.05 -3.11
CA TYR A 20 -1.59 1.89 -3.77
C TYR A 20 -1.81 2.01 -5.27
N ASP A 21 -2.85 1.33 -5.68
CA ASP A 21 -3.20 1.33 -7.12
C ASP A 21 -3.74 2.68 -7.59
N LEU A 22 -4.48 3.36 -6.75
CA LEU A 22 -5.04 4.69 -7.15
C LEU A 22 -4.00 5.80 -6.93
N CYS A 23 -2.99 5.48 -6.17
CA CYS A 23 -1.91 6.48 -5.87
C CYS A 23 -0.98 6.57 -7.07
N ILE A 24 -0.91 5.47 -7.79
CA ILE A 24 -0.04 5.40 -8.99
C ILE A 24 -0.47 6.36 -10.11
N ARG A 25 -0.26 7.62 -9.86
CA ARG A 25 -0.62 8.64 -10.85
C ARG A 25 0.66 8.71 -11.66
N CYS A 26 1.04 7.57 -12.24
CA CYS A 26 2.30 7.57 -13.04
C CYS A 26 2.21 8.59 -14.17
N GLN A 27 1.01 9.05 -14.36
CA GLN A 27 0.72 10.05 -15.42
C GLN A 27 0.49 11.42 -14.78
N GLY A 28 0.89 12.43 -15.50
CA GLY A 28 0.71 13.81 -14.96
C GLY A 28 1.50 13.98 -13.68
N LYS A 29 0.87 13.62 -12.60
CA LYS A 29 1.48 13.71 -11.23
C LYS A 29 2.88 13.11 -11.26
N TRP A 30 3.00 11.93 -11.81
CA TRP A 30 4.35 11.30 -11.87
C TRP A 30 4.86 11.27 -13.33
N ALA A 31 4.57 12.32 -14.06
CA ALA A 31 4.99 12.44 -15.50
C ALA A 31 6.49 12.28 -15.70
N GLY A 32 6.91 11.05 -15.63
CA GLY A 32 8.37 10.75 -15.83
C GLY A 32 9.02 10.36 -14.53
N LYS A 33 8.21 10.36 -13.51
CA LYS A 33 8.66 9.98 -12.14
C LYS A 33 8.30 8.50 -12.00
N ARG A 34 7.75 7.96 -13.07
CA ARG A 34 7.31 6.53 -13.17
C ARG A 34 8.18 5.66 -12.27
N GLY A 35 9.47 5.85 -12.44
CA GLY A 35 10.54 5.13 -11.68
C GLY A 35 10.06 4.68 -10.30
N LYS A 36 9.34 5.55 -9.65
CA LYS A 36 8.80 5.23 -8.31
C LYS A 36 7.28 5.43 -8.21
N CYS A 37 6.57 5.93 -9.22
CA CYS A 37 5.07 6.09 -9.07
C CYS A 37 4.52 4.80 -8.53
N ALA A 38 5.18 3.80 -9.03
CA ALA A 38 4.81 2.44 -8.63
C ALA A 38 5.40 2.12 -7.26
N ALA A 39 6.65 1.72 -7.22
CA ALA A 39 7.32 1.39 -5.91
C ALA A 39 6.75 2.22 -4.75
N HIS A 40 6.88 3.51 -4.91
CA HIS A 40 6.38 4.48 -3.90
C HIS A 40 5.02 4.12 -3.35
N CYS A 41 4.10 3.98 -4.27
CA CYS A 41 2.70 3.65 -3.88
C CYS A 41 2.57 2.24 -3.32
N ILE A 42 3.47 1.38 -3.70
CA ILE A 42 3.38 -0.01 -3.18
C ILE A 42 3.76 0.03 -1.69
N ILE A 43 4.89 0.65 -1.45
CA ILE A 43 5.45 0.80 -0.08
C ILE A 43 4.30 1.08 0.88
N GLN A 44 3.50 2.00 0.43
CA GLN A 44 2.31 2.41 1.26
C GLN A 44 1.57 1.15 1.73
N LYS A 45 1.06 0.42 0.76
CA LYS A 45 0.31 -0.84 1.01
C LYS A 45 1.02 -1.75 2.01
N ASN A 46 2.33 -1.74 1.98
CA ASN A 46 3.10 -2.60 2.93
C ASN A 46 3.46 -1.91 4.23
N ASN A 47 3.43 -0.60 4.24
CA ASN A 47 3.78 0.09 5.52
C ASN A 47 2.50 0.11 6.32
N CYS A 48 1.43 0.36 5.62
CA CYS A 48 0.05 0.42 6.19
C CYS A 48 -0.13 -0.63 7.29
N LYS A 49 0.19 -1.83 6.89
CA LYS A 49 0.09 -3.02 7.79
C LYS A 49 0.62 -2.74 9.21
N GLY A 50 1.66 -1.97 9.27
CA GLY A 50 2.26 -1.63 10.60
C GLY A 50 1.84 -0.25 11.06
N LYS A 51 0.66 0.13 10.69
CA LYS A 51 0.14 1.46 11.09
C LYS A 51 -1.02 1.34 12.09
N CYS A 52 -1.93 0.43 11.82
CA CYS A 52 -3.08 0.28 12.74
C CYS A 52 -3.05 -0.89 13.73
N LYS A 53 -3.33 -2.08 13.28
CA LYS A 53 -3.34 -3.26 14.19
C LYS A 53 -2.48 -4.44 13.71
N LYS A 54 -1.28 -4.58 14.21
CA LYS A 54 -0.41 -5.72 13.77
C LYS A 54 -0.41 -6.71 14.94
N GLU A 55 -0.89 -7.90 14.68
CA GLU A 55 -0.93 -8.95 15.76
C GLU A 55 -0.07 -10.18 15.43
N ALA A 1 1.06 -17.98 8.07
CA ALA A 1 -0.19 -17.31 8.53
C ALA A 1 -0.88 -18.19 9.60
N SER A 2 -0.20 -18.40 10.69
CA SER A 2 -0.76 -19.25 11.79
C SER A 2 -1.36 -18.38 12.90
N ALA A 3 -1.48 -17.10 12.62
CA ALA A 3 -2.06 -16.15 13.62
C ALA A 3 -3.51 -15.88 13.20
N THR A 4 -4.47 -16.14 14.04
CA THR A 4 -5.89 -15.90 13.63
C THR A 4 -6.27 -14.52 14.20
N TRP A 5 -5.50 -13.55 13.74
CA TRP A 5 -5.70 -12.13 14.16
C TRP A 5 -6.06 -11.32 12.92
N GLY A 6 -5.11 -11.20 12.03
CA GLY A 6 -5.30 -10.44 10.75
C GLY A 6 -6.59 -10.73 9.96
N ALA A 7 -7.31 -11.76 10.33
CA ALA A 7 -8.57 -12.10 9.60
C ALA A 7 -9.77 -11.37 10.25
N ALA A 8 -9.45 -10.60 11.26
CA ALA A 8 -10.48 -9.82 12.00
C ALA A 8 -10.42 -8.37 11.49
N TYR A 9 -9.25 -7.79 11.60
CA TYR A 9 -9.04 -6.38 11.14
C TYR A 9 -8.35 -6.16 9.76
N ALA A 11 -8.57 -5.21 6.75
CA ALA A 11 -8.80 -3.89 6.09
C ALA A 11 -7.62 -2.91 6.16
N CYS A 12 -7.21 -2.67 7.37
CA CYS A 12 -6.07 -1.76 7.65
C CYS A 12 -4.87 -1.97 6.72
N GLU A 13 -4.77 -3.17 6.23
CA GLU A 13 -3.66 -3.57 5.31
C GLU A 13 -4.11 -3.61 3.83
N ASN A 14 -5.39 -3.65 3.61
CA ASN A 14 -5.95 -3.71 2.21
C ASN A 14 -6.13 -2.31 1.66
N ASN A 15 -6.54 -1.43 2.54
CA ASN A 15 -6.78 0.00 2.17
C ASN A 15 -5.58 0.49 1.36
N CYS A 16 -4.42 0.23 1.88
CA CYS A 16 -3.18 0.66 1.18
C CYS A 16 -2.88 -0.22 -0.01
N ARG A 17 -3.38 -1.42 -0.06
CA ARG A 17 -3.07 -2.25 -1.26
C ARG A 17 -3.82 -1.60 -2.41
N LYS A 18 -5.07 -1.34 -2.13
CA LYS A 18 -5.93 -0.70 -3.16
C LYS A 18 -5.26 0.65 -3.45
N LYS A 19 -5.09 1.44 -2.42
CA LYS A 19 -4.45 2.78 -2.58
C LYS A 19 -3.19 2.66 -3.46
N TYR A 20 -2.29 1.75 -3.18
CA TYR A 20 -1.06 1.60 -4.02
C TYR A 20 -1.48 1.53 -5.51
N ASP A 21 -2.47 0.70 -5.74
CA ASP A 21 -3.01 0.49 -7.11
C ASP A 21 -3.89 1.67 -7.56
N LEU A 22 -4.32 2.47 -6.61
CA LEU A 22 -5.19 3.65 -6.91
C LEU A 22 -4.42 4.97 -6.65
N CYS A 23 -3.13 4.80 -6.46
CA CYS A 23 -2.19 5.95 -6.18
C CYS A 23 -1.23 6.07 -7.37
N ILE A 24 -0.94 4.97 -7.99
CA ILE A 24 -0.01 5.04 -9.15
C ILE A 24 -0.60 5.81 -10.35
N ARG A 25 -0.42 7.08 -10.21
CA ARG A 25 -0.87 8.08 -11.19
C ARG A 25 0.41 8.44 -11.94
N CYS A 26 1.08 7.43 -12.45
CA CYS A 26 2.36 7.69 -13.20
C CYS A 26 2.17 8.59 -14.43
N GLN A 27 0.98 9.08 -14.56
CA GLN A 27 0.65 9.96 -15.69
C GLN A 27 0.53 11.35 -15.03
N GLY A 28 -0.51 12.05 -15.38
CA GLY A 28 -0.83 13.42 -14.86
C GLY A 28 0.04 14.01 -13.76
N LYS A 29 0.02 13.46 -12.57
CA LYS A 29 0.87 14.05 -11.49
C LYS A 29 2.28 13.46 -11.41
N TRP A 30 2.50 12.30 -11.98
CA TRP A 30 3.87 11.69 -11.92
C TRP A 30 4.40 11.67 -13.38
N ALA A 31 3.95 12.64 -14.13
CA ALA A 31 4.34 12.81 -15.56
C ALA A 31 5.83 13.05 -15.75
N GLY A 32 6.51 11.93 -15.67
CA GLY A 32 8.01 11.95 -15.82
C GLY A 32 8.67 11.52 -14.54
N LYS A 33 7.80 11.33 -13.59
CA LYS A 33 8.17 10.89 -12.22
C LYS A 33 7.93 9.37 -12.20
N ARG A 34 7.44 8.86 -13.31
CA ARG A 34 7.14 7.40 -13.50
C ARG A 34 8.11 6.52 -12.70
N GLY A 35 9.36 6.76 -13.00
CA GLY A 35 10.52 6.05 -12.36
C GLY A 35 10.28 5.74 -10.89
N LYS A 36 9.59 6.66 -10.25
CA LYS A 36 9.26 6.51 -8.81
C LYS A 36 7.76 6.47 -8.51
N CYS A 37 6.86 6.85 -9.42
CA CYS A 37 5.39 6.80 -9.08
C CYS A 37 5.10 5.50 -8.37
N ALA A 38 5.62 4.54 -9.06
CA ALA A 38 5.50 3.15 -8.63
C ALA A 38 6.02 2.93 -7.21
N ALA A 39 7.32 2.86 -7.10
CA ALA A 39 8.00 2.65 -5.78
C ALA A 39 7.21 3.35 -4.66
N HIS A 40 7.09 4.63 -4.89
CA HIS A 40 6.37 5.54 -3.97
C HIS A 40 5.10 4.90 -3.41
N CYS A 41 4.25 4.58 -4.35
CA CYS A 41 2.94 3.96 -3.99
C CYS A 41 3.13 2.56 -3.40
N ILE A 42 3.99 1.76 -3.97
CA ILE A 42 4.20 0.38 -3.42
C ILE A 42 4.50 0.46 -1.91
N ILE A 43 5.44 1.33 -1.60
CA ILE A 43 5.86 1.55 -0.19
C ILE A 43 4.63 1.67 0.69
N GLN A 44 3.56 2.14 0.14
CA GLN A 44 2.36 2.28 1.00
C GLN A 44 1.75 0.89 1.32
N LYS A 45 1.39 0.12 0.31
CA LYS A 45 0.79 -1.23 0.57
C LYS A 45 1.70 -2.07 1.46
N ASN A 46 2.96 -1.72 1.50
CA ASN A 46 3.90 -2.50 2.36
C ASN A 46 3.90 -1.80 3.71
N ASN A 47 4.40 -0.59 3.80
CA ASN A 47 4.43 0.17 5.11
C ASN A 47 3.21 -0.13 5.97
N CYS A 48 2.07 -0.10 5.33
CA CYS A 48 0.75 -0.37 6.00
C CYS A 48 0.85 -1.61 6.91
N LYS A 49 1.40 -2.63 6.30
CA LYS A 49 1.61 -3.96 6.98
C LYS A 49 2.28 -3.82 8.36
N GLY A 50 2.98 -2.72 8.54
CA GLY A 50 3.68 -2.48 9.84
C GLY A 50 2.98 -1.45 10.71
N LYS A 51 1.71 -1.28 10.47
CA LYS A 51 0.90 -0.30 11.26
C LYS A 51 -0.06 -1.13 12.12
N CYS A 52 -0.93 -1.88 11.50
CA CYS A 52 -1.91 -2.74 12.23
C CYS A 52 -1.47 -4.21 12.24
N LYS A 53 -0.51 -4.56 11.43
CA LYS A 53 -0.06 -5.98 11.39
C LYS A 53 1.40 -6.03 11.80
N LYS A 54 1.88 -7.23 11.87
CA LYS A 54 3.30 -7.49 12.26
C LYS A 54 4.11 -8.03 11.07
N GLU A 55 3.51 -8.94 10.36
CA GLU A 55 4.14 -9.57 9.17
C GLU A 55 3.17 -9.53 7.98
N ALA A 1 -8.88 -16.76 12.91
CA ALA A 1 -8.62 -15.61 13.83
C ALA A 1 -8.12 -16.13 15.19
N SER A 2 -7.34 -17.17 15.12
CA SER A 2 -6.77 -17.78 16.36
C SER A 2 -5.28 -17.44 16.34
N ALA A 3 -4.53 -18.24 15.63
CA ALA A 3 -3.06 -18.02 15.51
C ALA A 3 -2.76 -17.34 14.17
N THR A 4 -3.81 -17.11 13.43
CA THR A 4 -3.74 -16.46 12.10
C THR A 4 -4.44 -15.09 12.23
N TRP A 5 -3.68 -14.03 12.39
CA TRP A 5 -4.30 -12.68 12.53
C TRP A 5 -3.70 -11.69 11.52
N GLY A 6 -4.46 -10.66 11.27
CA GLY A 6 -4.01 -9.60 10.30
C GLY A 6 -4.95 -9.57 9.11
N ALA A 7 -5.23 -10.75 8.66
CA ALA A 7 -6.15 -10.92 7.50
C ALA A 7 -7.57 -11.05 8.08
N ALA A 8 -7.67 -10.80 9.36
CA ALA A 8 -8.98 -10.87 10.07
C ALA A 8 -9.57 -9.47 10.27
N TYR A 9 -8.77 -8.43 10.14
CA TYR A 9 -9.29 -7.05 10.31
C TYR A 9 -9.54 -6.28 8.98
N ALA A 11 -9.26 -4.14 6.77
CA ALA A 11 -9.63 -2.74 6.48
C ALA A 11 -8.33 -1.97 6.35
N CYS A 12 -7.81 -1.59 7.49
CA CYS A 12 -6.53 -0.82 7.58
C CYS A 12 -5.28 -1.45 6.91
N GLU A 13 -5.46 -2.53 6.19
CA GLU A 13 -4.34 -3.22 5.49
C GLU A 13 -4.63 -3.14 3.98
N ASN A 14 -5.88 -2.97 3.66
CA ASN A 14 -6.33 -2.87 2.25
C ASN A 14 -6.34 -1.41 1.83
N ASN A 15 -6.51 -0.58 2.82
CA ASN A 15 -6.53 0.90 2.65
C ASN A 15 -5.28 1.27 1.85
N CYS A 16 -4.12 0.88 2.32
CA CYS A 16 -2.90 1.22 1.56
C CYS A 16 -2.64 0.27 0.38
N ARG A 17 -3.57 -0.61 0.11
CA ARG A 17 -3.38 -1.56 -1.02
C ARG A 17 -4.12 -0.95 -2.20
N LYS A 18 -5.40 -0.79 -2.03
CA LYS A 18 -6.22 -0.18 -3.11
C LYS A 18 -5.53 1.17 -3.36
N LYS A 19 -5.19 1.82 -2.28
CA LYS A 19 -4.50 3.14 -2.38
C LYS A 19 -3.19 2.97 -3.15
N TYR A 20 -2.35 2.03 -2.78
CA TYR A 20 -1.06 1.86 -3.51
C TYR A 20 -1.33 1.86 -5.02
N ASP A 21 -2.34 1.11 -5.37
CA ASP A 21 -2.71 1.04 -6.80
C ASP A 21 -3.18 2.39 -7.31
N LEU A 22 -4.22 2.91 -6.71
CA LEU A 22 -4.76 4.25 -7.14
C LEU A 22 -3.73 5.40 -7.04
N CYS A 23 -2.73 5.18 -6.23
CA CYS A 23 -1.66 6.21 -6.01
C CYS A 23 -0.66 6.20 -7.18
N ILE A 24 -0.66 5.12 -7.90
CA ILE A 24 0.27 5.00 -9.05
C ILE A 24 -0.30 5.72 -10.27
N ARG A 25 -0.34 7.02 -10.12
CA ARG A 25 -0.85 7.89 -11.20
C ARG A 25 0.43 8.15 -11.99
N CYS A 26 1.02 7.09 -12.48
CA CYS A 26 2.29 7.28 -13.25
C CYS A 26 2.08 8.21 -14.43
N GLN A 27 0.82 8.43 -14.71
CA GLN A 27 0.45 9.32 -15.83
C GLN A 27 -0.09 10.63 -15.26
N GLY A 28 0.12 11.68 -16.00
CA GLY A 28 -0.36 13.02 -15.54
C GLY A 28 0.35 13.40 -14.24
N LYS A 29 -0.26 12.98 -13.16
CA LYS A 29 0.28 13.24 -11.80
C LYS A 29 1.77 12.92 -11.74
N TRP A 30 2.13 11.75 -12.20
CA TRP A 30 3.58 11.38 -12.17
C TRP A 30 4.15 11.43 -13.59
N ALA A 31 3.72 12.38 -14.38
CA ALA A 31 4.20 12.54 -15.79
C ALA A 31 5.71 12.53 -15.96
N GLY A 32 6.23 11.34 -15.89
CA GLY A 32 7.69 11.11 -16.04
C GLY A 32 8.30 10.70 -14.72
N LYS A 33 7.54 10.94 -13.69
CA LYS A 33 7.97 10.61 -12.30
C LYS A 33 7.73 9.11 -12.13
N ARG A 34 7.13 8.51 -13.15
CA ARG A 34 6.81 7.05 -13.17
C ARG A 34 7.84 6.28 -12.33
N GLY A 35 9.08 6.53 -12.66
CA GLY A 35 10.29 5.92 -11.99
C GLY A 35 10.00 5.53 -10.54
N LYS A 36 9.32 6.42 -9.85
CA LYS A 36 8.96 6.17 -8.44
C LYS A 36 7.43 6.16 -8.23
N CYS A 37 6.62 6.50 -9.22
CA CYS A 37 5.11 6.48 -9.04
C CYS A 37 4.79 5.16 -8.37
N ALA A 38 5.56 4.24 -8.85
CA ALA A 38 5.44 2.87 -8.35
C ALA A 38 6.02 2.74 -6.94
N ALA A 39 7.31 2.56 -6.83
CA ALA A 39 7.99 2.42 -5.49
C ALA A 39 7.23 3.20 -4.42
N HIS A 40 7.14 4.49 -4.66
CA HIS A 40 6.46 5.43 -3.73
C HIS A 40 5.13 4.89 -3.22
N CYS A 41 4.34 4.44 -4.14
CA CYS A 41 3.02 3.89 -3.76
C CYS A 41 3.09 2.52 -3.12
N ILE A 42 4.14 1.80 -3.41
CA ILE A 42 4.21 0.43 -2.79
C ILE A 42 4.59 0.58 -1.32
N ILE A 43 5.32 1.63 -0.99
CA ILE A 43 5.70 1.80 0.44
C ILE A 43 4.40 1.95 1.23
N GLN A 44 3.30 2.18 0.56
CA GLN A 44 2.03 2.32 1.30
C GLN A 44 1.56 0.90 1.61
N LYS A 45 1.12 0.16 0.63
CA LYS A 45 0.64 -1.24 0.93
C LYS A 45 1.59 -2.02 1.85
N ASN A 46 2.88 -1.77 1.74
CA ASN A 46 3.83 -2.52 2.62
C ASN A 46 4.12 -1.83 3.96
N ASN A 47 3.84 -0.56 4.11
CA ASN A 47 4.14 0.06 5.45
C ASN A 47 2.95 -0.41 6.31
N CYS A 48 1.82 -0.34 5.66
CA CYS A 48 0.49 -0.73 6.23
C CYS A 48 0.64 -2.05 7.05
N LYS A 49 1.21 -2.99 6.35
CA LYS A 49 1.50 -4.36 6.87
C LYS A 49 2.16 -4.37 8.25
N GLY A 50 2.99 -3.39 8.51
CA GLY A 50 3.69 -3.31 9.84
C GLY A 50 3.15 -2.14 10.64
N LYS A 51 2.04 -1.64 10.17
CA LYS A 51 1.36 -0.48 10.82
C LYS A 51 0.14 -1.05 11.53
N CYS A 52 -0.74 -1.53 10.71
CA CYS A 52 -2.00 -2.11 11.22
C CYS A 52 -1.97 -3.62 11.22
N LYS A 53 -1.02 -4.22 10.54
CA LYS A 53 -1.00 -5.72 10.54
C LYS A 53 0.04 -6.30 11.49
N LYS A 54 -0.18 -7.56 11.76
CA LYS A 54 0.70 -8.32 12.67
C LYS A 54 1.43 -9.34 11.80
N GLU A 55 2.73 -9.23 11.76
CA GLU A 55 3.57 -10.16 10.95
C GLU A 55 4.59 -10.83 11.88
N ALA A 1 -4.69 -21.65 19.64
CA ALA A 1 -3.91 -20.43 19.27
C ALA A 1 -3.75 -20.39 17.74
N SER A 2 -4.19 -19.32 17.13
CA SER A 2 -4.08 -19.18 15.65
C SER A 2 -3.26 -17.95 15.33
N ALA A 3 -2.64 -17.99 14.18
CA ALA A 3 -1.79 -16.87 13.69
C ALA A 3 -2.53 -16.02 12.65
N THR A 4 -3.62 -16.51 12.15
CA THR A 4 -4.43 -15.77 11.13
C THR A 4 -5.20 -14.55 11.65
N TRP A 5 -4.64 -13.84 12.60
CA TRP A 5 -5.35 -12.63 13.15
C TRP A 5 -5.55 -11.63 12.03
N GLY A 6 -4.66 -11.67 11.09
CA GLY A 6 -4.75 -10.74 9.93
C GLY A 6 -6.05 -10.99 9.17
N ALA A 7 -6.74 -12.05 9.45
CA ALA A 7 -8.01 -12.34 8.73
C ALA A 7 -9.18 -11.70 9.49
N ALA A 8 -8.86 -10.98 10.54
CA ALA A 8 -9.92 -10.30 11.34
C ALA A 8 -9.98 -8.82 10.96
N TYR A 9 -8.83 -8.19 10.96
CA TYR A 9 -8.74 -6.73 10.60
C TYR A 9 -8.25 -6.31 9.18
N ALA A 11 -8.71 -5.38 6.35
CA ALA A 11 -9.17 -4.09 5.74
C ALA A 11 -8.15 -2.96 6.02
N CYS A 12 -7.74 -2.94 7.26
CA CYS A 12 -6.75 -1.95 7.80
C CYS A 12 -5.47 -1.81 6.96
N GLU A 13 -5.18 -2.85 6.22
CA GLU A 13 -3.99 -2.92 5.32
C GLU A 13 -4.50 -2.81 3.88
N ASN A 14 -5.57 -3.51 3.64
CA ASN A 14 -6.20 -3.49 2.28
C ASN A 14 -6.37 -2.05 1.80
N ASN A 15 -6.74 -1.21 2.72
CA ASN A 15 -6.93 0.25 2.38
C ASN A 15 -5.70 0.79 1.64
N CYS A 16 -4.54 0.43 2.10
CA CYS A 16 -3.31 0.90 1.45
C CYS A 16 -2.97 -0.02 0.29
N ARG A 17 -3.42 -1.24 0.38
CA ARG A 17 -3.11 -2.20 -0.73
C ARG A 17 -3.78 -1.63 -1.98
N LYS A 18 -4.95 -1.11 -1.71
CA LYS A 18 -5.77 -0.50 -2.76
C LYS A 18 -5.08 0.82 -3.05
N LYS A 19 -4.97 1.66 -2.04
CA LYS A 19 -4.30 2.99 -2.24
C LYS A 19 -3.08 2.89 -3.19
N TYR A 20 -2.15 2.01 -2.88
CA TYR A 20 -0.92 1.81 -3.72
C TYR A 20 -1.34 1.64 -5.19
N ASP A 21 -2.40 0.91 -5.38
CA ASP A 21 -2.93 0.64 -6.75
C ASP A 21 -3.84 1.80 -7.20
N LEU A 22 -4.27 2.59 -6.26
CA LEU A 22 -5.16 3.77 -6.57
C LEU A 22 -4.35 5.06 -6.38
N CYS A 23 -3.06 4.88 -6.33
CA CYS A 23 -2.07 6.00 -6.15
C CYS A 23 -1.12 6.06 -7.34
N ILE A 24 -0.95 4.96 -8.05
CA ILE A 24 -0.02 5.00 -9.21
C ILE A 24 -0.58 5.90 -10.33
N ARG A 25 -0.38 7.16 -10.12
CA ARG A 25 -0.84 8.19 -11.08
C ARG A 25 0.46 8.48 -11.78
N CYS A 26 1.01 7.44 -12.35
CA CYS A 26 2.30 7.61 -13.08
C CYS A 26 2.08 8.48 -14.31
N GLN A 27 0.85 8.88 -14.44
CA GLN A 27 0.42 9.72 -15.56
C GLN A 27 0.06 11.08 -14.98
N GLY A 28 0.38 12.13 -15.70
CA GLY A 28 0.05 13.49 -15.18
C GLY A 28 0.81 13.75 -13.88
N LYS A 29 0.20 13.36 -12.79
CA LYS A 29 0.80 13.54 -11.43
C LYS A 29 2.29 13.16 -11.47
N TRP A 30 2.56 11.97 -11.93
CA TRP A 30 3.99 11.53 -12.00
C TRP A 30 4.44 11.49 -13.47
N ALA A 31 3.98 12.44 -14.24
CA ALA A 31 4.34 12.51 -15.70
C ALA A 31 5.83 12.69 -15.95
N GLY A 32 6.48 11.58 -15.84
CA GLY A 32 7.96 11.57 -16.05
C GLY A 32 8.69 11.25 -14.77
N LYS A 33 7.89 11.12 -13.74
CA LYS A 33 8.41 10.80 -12.39
C LYS A 33 8.19 9.27 -12.26
N ARG A 34 7.64 8.69 -13.32
CA ARG A 34 7.35 7.22 -13.41
C ARG A 34 8.36 6.45 -12.58
N GLY A 35 9.61 6.75 -12.87
CA GLY A 35 10.82 6.15 -12.21
C GLY A 35 10.49 5.67 -10.81
N LYS A 36 9.84 6.54 -10.09
CA LYS A 36 9.45 6.20 -8.69
C LYS A 36 7.94 6.26 -8.43
N CYS A 37 7.08 6.68 -9.37
CA CYS A 37 5.59 6.71 -9.05
C CYS A 37 5.27 5.37 -8.40
N ALA A 38 5.76 4.42 -9.14
CA ALA A 38 5.60 3.02 -8.74
C ALA A 38 6.04 2.76 -7.30
N ALA A 39 7.34 2.65 -7.11
CA ALA A 39 7.90 2.40 -5.74
C ALA A 39 7.14 3.21 -4.69
N HIS A 40 7.04 4.48 -4.98
CA HIS A 40 6.33 5.45 -4.08
C HIS A 40 4.94 4.96 -3.71
N CYS A 41 4.22 4.44 -4.66
CA CYS A 41 2.86 3.96 -4.28
C CYS A 41 3.02 2.61 -3.59
N ILE A 42 3.98 1.83 -4.01
CA ILE A 42 4.18 0.49 -3.38
C ILE A 42 4.41 0.60 -1.87
N ILE A 43 5.41 1.37 -1.52
CA ILE A 43 5.73 1.54 -0.07
C ILE A 43 4.45 1.80 0.74
N GLN A 44 3.41 2.28 0.11
CA GLN A 44 2.18 2.54 0.92
C GLN A 44 1.48 1.21 1.26
N LYS A 45 1.41 0.26 0.36
CA LYS A 45 0.72 -1.02 0.74
C LYS A 45 1.64 -1.72 1.73
N ASN A 46 2.91 -1.50 1.51
CA ASN A 46 3.96 -2.12 2.37
C ASN A 46 3.76 -1.51 3.76
N ASN A 47 4.18 -0.28 3.90
CA ASN A 47 4.08 0.48 5.19
C ASN A 47 2.89 0.05 6.06
N CYS A 48 1.75 -0.01 5.42
CA CYS A 48 0.48 -0.41 6.12
C CYS A 48 0.67 -1.71 6.94
N LYS A 49 1.32 -2.65 6.29
CA LYS A 49 1.61 -3.98 6.91
C LYS A 49 2.48 -3.84 8.18
N GLY A 50 3.01 -2.66 8.38
CA GLY A 50 3.88 -2.36 9.56
C GLY A 50 3.15 -1.40 10.51
N LYS A 51 1.87 -1.27 10.23
CA LYS A 51 0.96 -0.40 11.02
C LYS A 51 -0.02 -1.34 11.71
N CYS A 52 -0.78 -2.02 10.89
CA CYS A 52 -1.80 -2.98 11.41
C CYS A 52 -1.45 -4.46 11.35
N LYS A 53 -0.76 -4.90 10.33
CA LYS A 53 -0.43 -6.35 10.26
C LYS A 53 0.92 -6.69 10.89
N LYS A 54 1.28 -7.93 10.77
CA LYS A 54 2.56 -8.41 11.34
C LYS A 54 3.51 -8.68 10.17
N GLU A 55 4.74 -8.28 10.32
CA GLU A 55 5.77 -8.47 9.25
C GLU A 55 6.93 -9.31 9.79
N ALA A 1 3.60 -21.57 11.64
CA ALA A 1 3.51 -20.13 11.32
C ALA A 1 2.03 -19.72 11.32
N SER A 2 1.58 -19.18 12.42
CA SER A 2 0.15 -18.77 12.46
C SER A 2 0.04 -17.34 11.94
N ALA A 3 0.00 -17.23 10.64
CA ALA A 3 -0.12 -15.88 10.00
C ALA A 3 -1.64 -15.72 9.90
N THR A 4 -2.23 -15.78 11.07
CA THR A 4 -3.70 -15.67 11.26
C THR A 4 -4.09 -14.32 11.85
N TRP A 5 -3.32 -13.31 11.56
CA TRP A 5 -3.64 -11.96 12.12
C TRP A 5 -3.88 -10.86 11.09
N GLY A 6 -3.56 -11.10 9.84
CA GLY A 6 -3.79 -10.04 8.81
C GLY A 6 -5.03 -10.33 7.98
N ALA A 7 -5.42 -11.57 8.01
CA ALA A 7 -6.63 -12.02 7.26
C ALA A 7 -7.84 -11.91 8.18
N ALA A 8 -7.63 -11.39 9.38
CA ALA A 8 -8.75 -11.24 10.35
C ALA A 8 -9.27 -9.80 10.41
N TYR A 9 -8.38 -8.84 10.34
CA TYR A 9 -8.82 -7.40 10.39
C TYR A 9 -8.88 -6.62 9.03
N ALA A 11 -8.85 -4.37 6.85
CA ALA A 11 -9.20 -2.94 6.66
C ALA A 11 -7.87 -2.18 6.62
N CYS A 12 -7.36 -1.89 7.79
CA CYS A 12 -6.06 -1.14 7.91
C CYS A 12 -4.95 -1.69 7.01
N GLU A 13 -5.09 -2.90 6.55
CA GLU A 13 -4.02 -3.49 5.67
C GLU A 13 -4.45 -3.51 4.21
N ASN A 14 -5.74 -3.47 4.03
CA ASN A 14 -6.31 -3.49 2.64
C ASN A 14 -6.49 -2.08 2.09
N ASN A 15 -6.83 -1.19 2.98
CA ASN A 15 -7.04 0.24 2.63
C ASN A 15 -5.88 0.72 1.78
N CYS A 16 -4.68 0.57 2.30
CA CYS A 16 -3.49 1.01 1.55
C CYS A 16 -3.20 0.15 0.33
N ARG A 17 -3.82 -1.00 0.22
CA ARG A 17 -3.54 -1.85 -0.98
C ARG A 17 -4.25 -1.21 -2.16
N LYS A 18 -5.54 -1.01 -1.99
CA LYS A 18 -6.32 -0.37 -3.09
C LYS A 18 -5.60 0.96 -3.36
N LYS A 19 -5.34 1.64 -2.26
CA LYS A 19 -4.63 2.95 -2.31
C LYS A 19 -3.40 2.87 -3.25
N TYR A 20 -2.53 1.94 -3.01
CA TYR A 20 -1.31 1.80 -3.88
C TYR A 20 -1.73 1.78 -5.35
N ASP A 21 -2.69 0.95 -5.59
CA ASP A 21 -3.24 0.76 -6.98
C ASP A 21 -4.06 1.96 -7.45
N LEU A 22 -4.42 2.78 -6.50
CA LEU A 22 -5.23 4.00 -6.78
C LEU A 22 -4.35 5.23 -6.52
N CYS A 23 -3.09 4.98 -6.28
CA CYS A 23 -2.10 6.05 -6.00
C CYS A 23 -1.13 6.22 -7.17
N ILE A 24 -0.72 5.13 -7.77
CA ILE A 24 0.22 5.19 -8.93
C ILE A 24 -0.18 6.19 -10.06
N ARG A 25 -0.10 7.46 -9.79
CA ARG A 25 -0.47 8.47 -10.82
C ARG A 25 0.77 8.70 -11.65
N CYS A 26 1.34 7.60 -12.10
CA CYS A 26 2.57 7.66 -12.94
C CYS A 26 2.32 8.56 -14.14
N GLN A 27 1.06 8.79 -14.37
CA GLN A 27 0.66 9.65 -15.50
C GLN A 27 0.26 11.02 -14.95
N GLY A 28 0.56 12.06 -15.69
CA GLY A 28 0.20 13.42 -15.20
C GLY A 28 0.98 13.72 -13.92
N LYS A 29 0.40 13.39 -12.80
CA LYS A 29 1.03 13.62 -11.47
C LYS A 29 2.50 13.20 -11.47
N TRP A 30 2.77 12.05 -12.02
CA TRP A 30 4.19 11.56 -12.07
C TRP A 30 4.65 11.52 -13.53
N ALA A 31 4.25 12.49 -14.31
CA ALA A 31 4.61 12.61 -15.77
C ALA A 31 6.09 12.39 -16.10
N GLY A 32 6.46 11.15 -16.00
CA GLY A 32 7.87 10.75 -16.29
C GLY A 32 8.49 10.15 -15.05
N LYS A 33 7.91 10.49 -13.93
CA LYS A 33 8.39 9.99 -12.62
C LYS A 33 7.86 8.55 -12.43
N ARG A 34 7.14 8.06 -13.41
CA ARG A 34 6.53 6.68 -13.44
C ARG A 34 7.33 5.62 -12.65
N GLY A 35 8.52 5.36 -13.10
CA GLY A 35 9.45 4.34 -12.45
C GLY A 35 9.63 4.52 -10.93
N LYS A 36 9.20 5.66 -10.49
CA LYS A 36 9.27 6.06 -9.06
C LYS A 36 7.82 6.14 -8.52
N CYS A 37 6.85 6.53 -9.34
CA CYS A 37 5.45 6.60 -8.79
C CYS A 37 5.13 5.23 -8.27
N ALA A 38 5.56 4.28 -9.06
CA ALA A 38 5.32 2.88 -8.66
C ALA A 38 5.81 2.58 -7.23
N ALA A 39 7.11 2.49 -7.10
CA ALA A 39 7.74 2.23 -5.77
C ALA A 39 6.99 3.02 -4.71
N HIS A 40 6.99 4.31 -4.93
CA HIS A 40 6.31 5.25 -3.99
C HIS A 40 4.98 4.71 -3.47
N CYS A 41 4.14 4.37 -4.40
CA CYS A 41 2.80 3.84 -4.03
C CYS A 41 2.89 2.47 -3.37
N ILE A 42 3.88 1.72 -3.74
CA ILE A 42 4.04 0.36 -3.14
C ILE A 42 4.46 0.52 -1.67
N ILE A 43 5.28 1.51 -1.43
CA ILE A 43 5.76 1.75 -0.04
C ILE A 43 4.55 1.99 0.85
N GLN A 44 3.52 2.50 0.26
CA GLN A 44 2.29 2.78 1.07
C GLN A 44 1.60 1.48 1.52
N LYS A 45 1.11 0.73 0.57
CA LYS A 45 0.41 -0.58 0.86
C LYS A 45 1.27 -1.47 1.74
N ASN A 46 2.55 -1.21 1.71
CA ASN A 46 3.48 -2.03 2.53
C ASN A 46 3.55 -1.37 3.90
N ASN A 47 4.08 -0.17 3.99
CA ASN A 47 4.19 0.56 5.31
C ASN A 47 3.03 0.15 6.23
N CYS A 48 1.89 0.31 5.64
CA CYS A 48 0.59 -0.01 6.30
C CYS A 48 0.66 -1.32 7.12
N LYS A 49 1.08 -2.35 6.44
CA LYS A 49 1.22 -3.72 7.06
C LYS A 49 1.97 -3.73 8.39
N GLY A 50 2.74 -2.70 8.63
CA GLY A 50 3.52 -2.63 9.92
C GLY A 50 3.08 -1.44 10.76
N LYS A 51 1.85 -1.05 10.57
CA LYS A 51 1.31 0.10 11.35
C LYS A 51 0.28 -0.37 12.38
N CYS A 52 -0.57 -1.30 12.00
CA CYS A 52 -1.61 -1.81 12.94
C CYS A 52 -1.30 -3.18 13.60
N LYS A 53 -1.87 -4.22 13.02
CA LYS A 53 -1.72 -5.63 13.49
C LYS A 53 -0.27 -5.95 13.85
N LYS A 54 0.56 -5.32 13.07
CA LYS A 54 2.03 -5.45 13.19
C LYS A 54 2.44 -3.98 13.31
N GLU A 55 3.39 -3.69 14.18
CA GLU A 55 3.83 -2.26 14.33
C GLU A 55 5.26 -2.05 13.78
N ALA A 1 -13.07 -15.45 22.28
CA ALA A 1 -12.90 -16.91 22.57
C ALA A 1 -11.54 -17.39 22.05
N SER A 2 -11.13 -16.82 20.94
CA SER A 2 -9.83 -17.21 20.33
C SER A 2 -8.90 -15.99 20.23
N ALA A 3 -7.79 -16.21 19.58
CA ALA A 3 -6.77 -15.13 19.39
C ALA A 3 -6.93 -14.59 17.95
N THR A 4 -8.02 -13.91 17.73
CA THR A 4 -8.30 -13.33 16.38
C THR A 4 -8.22 -11.79 16.35
N TRP A 5 -7.03 -11.25 16.23
CA TRP A 5 -6.90 -9.75 16.21
C TRP A 5 -6.76 -9.28 14.75
N GLY A 6 -6.24 -10.15 13.92
CA GLY A 6 -6.06 -9.80 12.48
C GLY A 6 -7.40 -9.54 11.84
N ALA A 7 -8.45 -10.00 12.48
CA ALA A 7 -9.83 -9.79 11.92
C ALA A 7 -10.39 -8.47 12.47
N ALA A 8 -9.55 -7.74 13.15
CA ALA A 8 -9.98 -6.43 13.73
C ALA A 8 -9.46 -5.31 12.81
N TYR A 9 -8.21 -5.38 12.43
CA TYR A 9 -7.60 -4.34 11.54
C TYR A 9 -7.43 -4.66 10.02
N ALA A 11 -8.67 -4.56 7.16
CA ALA A 11 -8.97 -3.45 6.18
C ALA A 11 -7.69 -3.03 5.47
N CYS A 12 -6.77 -2.63 6.31
CA CYS A 12 -5.42 -2.17 5.90
C CYS A 12 -4.87 -2.94 4.70
N GLU A 13 -4.54 -4.18 4.96
CA GLU A 13 -3.98 -5.13 3.94
C GLU A 13 -4.61 -5.01 2.56
N ASN A 14 -5.86 -4.66 2.55
CA ASN A 14 -6.65 -4.51 1.29
C ASN A 14 -6.54 -3.05 0.82
N ASN A 15 -6.94 -2.21 1.72
CA ASN A 15 -6.97 -0.72 1.54
C ASN A 15 -5.68 -0.28 0.89
N CYS A 16 -4.58 -0.57 1.51
CA CYS A 16 -3.30 -0.12 0.89
C CYS A 16 -2.84 -0.98 -0.28
N ARG A 17 -3.40 -2.16 -0.45
CA ARG A 17 -2.90 -2.98 -1.61
C ARG A 17 -3.55 -2.40 -2.85
N LYS A 18 -4.81 -2.11 -2.72
CA LYS A 18 -5.56 -1.53 -3.86
C LYS A 18 -4.98 -0.13 -4.01
N LYS A 19 -4.85 0.57 -2.90
CA LYS A 19 -4.28 1.95 -2.94
C LYS A 19 -3.01 1.95 -3.81
N TYR A 20 -2.07 1.11 -3.54
CA TYR A 20 -0.81 1.09 -4.37
C TYR A 20 -1.14 0.99 -5.88
N ASP A 21 -2.25 0.38 -6.16
CA ASP A 21 -2.72 0.19 -7.56
C ASP A 21 -3.67 1.31 -7.99
N LEU A 22 -4.15 2.04 -7.01
CA LEU A 22 -5.09 3.18 -7.26
C LEU A 22 -4.36 4.50 -6.95
N CYS A 23 -3.10 4.37 -6.60
CA CYS A 23 -2.22 5.54 -6.26
C CYS A 23 -1.20 5.77 -7.35
N ILE A 24 -0.81 4.73 -8.04
CA ILE A 24 0.19 4.94 -9.11
C ILE A 24 -0.42 5.77 -10.26
N ARG A 25 -0.36 7.04 -10.03
CA ARG A 25 -0.87 8.07 -10.97
C ARG A 25 0.38 8.57 -11.66
N CYS A 26 1.16 7.64 -12.18
CA CYS A 26 2.43 8.05 -12.89
C CYS A 26 2.19 8.98 -14.09
N GLN A 27 0.97 9.41 -14.21
CA GLN A 27 0.60 10.30 -15.31
C GLN A 27 0.36 11.65 -14.61
N GLY A 28 -0.69 12.33 -15.00
CA GLY A 28 -1.10 13.65 -14.44
C GLY A 28 -0.31 14.25 -13.28
N LYS A 29 -0.34 13.67 -12.11
CA LYS A 29 0.43 14.26 -10.97
C LYS A 29 1.88 13.74 -10.85
N TRP A 30 2.18 12.62 -11.45
CA TRP A 30 3.58 12.07 -11.36
C TRP A 30 4.11 12.15 -12.80
N ALA A 31 3.69 13.16 -13.50
CA ALA A 31 4.11 13.38 -14.92
C ALA A 31 5.60 13.68 -15.04
N GLY A 32 6.32 12.59 -15.02
CA GLY A 32 7.81 12.66 -15.14
C GLY A 32 8.47 12.26 -13.83
N LYS A 33 7.61 11.76 -13.00
CA LYS A 33 7.98 11.27 -11.66
C LYS A 33 7.80 9.74 -11.76
N ARG A 34 7.81 9.23 -12.97
CA ARG A 34 7.64 7.76 -13.15
C ARG A 34 8.77 7.03 -12.43
N GLY A 35 8.58 5.79 -12.04
CA GLY A 35 9.67 5.05 -11.33
C GLY A 35 9.49 5.36 -9.84
N LYS A 36 9.31 6.64 -9.62
CA LYS A 36 9.11 7.17 -8.26
C LYS A 36 7.62 6.95 -7.95
N CYS A 37 6.73 7.32 -8.85
CA CYS A 37 5.25 7.13 -8.60
C CYS A 37 5.09 5.73 -8.03
N ALA A 38 5.70 4.89 -8.79
CA ALA A 38 5.71 3.46 -8.50
C ALA A 38 6.18 3.16 -7.08
N ALA A 39 7.47 3.29 -6.87
CA ALA A 39 8.07 3.04 -5.51
C ALA A 39 7.16 3.60 -4.42
N HIS A 40 6.92 4.87 -4.59
CA HIS A 40 6.06 5.63 -3.64
C HIS A 40 4.83 4.84 -3.26
N CYS A 41 4.04 4.55 -4.25
CA CYS A 41 2.77 3.79 -4.01
C CYS A 41 3.07 2.39 -3.45
N ILE A 42 4.01 1.77 -4.07
CA ILE A 42 4.43 0.40 -3.66
C ILE A 42 4.65 0.31 -2.14
N ILE A 43 5.50 1.18 -1.68
CA ILE A 43 5.86 1.27 -0.24
C ILE A 43 4.60 1.33 0.61
N GLN A 44 3.50 1.73 0.03
CA GLN A 44 2.27 1.78 0.87
C GLN A 44 1.80 0.34 1.13
N LYS A 45 1.55 -0.42 0.09
CA LYS A 45 1.09 -1.83 0.25
C LYS A 45 2.00 -2.61 1.20
N ASN A 46 3.24 -2.20 1.30
CA ASN A 46 4.15 -2.94 2.23
C ASN A 46 4.06 -2.26 3.60
N ASN A 47 4.37 -0.99 3.65
CA ASN A 47 4.30 -0.25 4.96
C ASN A 47 3.04 -0.65 5.73
N CYS A 48 1.95 -0.73 5.00
CA CYS A 48 0.62 -1.11 5.58
C CYS A 48 0.78 -2.26 6.57
N LYS A 49 1.45 -3.27 6.07
CA LYS A 49 1.73 -4.50 6.87
C LYS A 49 2.33 -4.21 8.26
N GLY A 50 3.02 -3.11 8.40
CA GLY A 50 3.63 -2.74 9.72
C GLY A 50 2.92 -1.56 10.36
N LYS A 51 1.83 -1.15 9.75
CA LYS A 51 1.04 0.01 10.27
C LYS A 51 -0.07 -0.59 11.10
N CYS A 52 -0.92 -1.37 10.48
CA CYS A 52 -2.05 -1.98 11.25
C CYS A 52 -1.78 -3.43 11.62
N LYS A 53 -0.81 -4.02 10.95
CA LYS A 53 -0.48 -5.45 11.23
C LYS A 53 0.82 -5.52 12.03
N LYS A 54 1.15 -6.70 12.48
CA LYS A 54 2.39 -6.89 13.28
C LYS A 54 3.43 -7.61 12.43
N GLU A 55 4.63 -7.67 12.93
CA GLU A 55 5.74 -8.34 12.19
C GLU A 55 6.32 -9.47 13.05
N ALA A 1 -2.76 -19.45 22.77
CA ALA A 1 -3.63 -19.69 21.58
C ALA A 1 -3.05 -18.92 20.38
N SER A 2 -3.14 -19.50 19.22
CA SER A 2 -2.62 -18.85 17.98
C SER A 2 -3.80 -18.41 17.10
N ALA A 3 -4.02 -17.12 17.02
CA ALA A 3 -5.14 -16.60 16.19
C ALA A 3 -4.54 -16.10 14.87
N THR A 4 -5.32 -16.07 13.82
CA THR A 4 -4.82 -15.61 12.49
C THR A 4 -4.89 -14.08 12.44
N TRP A 5 -4.14 -13.50 13.35
CA TRP A 5 -4.02 -12.02 13.51
C TRP A 5 -3.94 -11.24 12.18
N GLY A 6 -5.05 -11.13 11.54
CA GLY A 6 -5.15 -10.41 10.24
C GLY A 6 -6.62 -10.51 9.88
N ALA A 7 -7.02 -11.74 9.70
CA ALA A 7 -8.43 -12.15 9.33
C ALA A 7 -9.58 -11.25 9.81
N ALA A 8 -9.38 -10.50 10.84
CA ALA A 8 -10.47 -9.60 11.36
C ALA A 8 -10.29 -8.13 10.93
N TYR A 9 -9.07 -7.67 10.91
CA TYR A 9 -8.81 -6.25 10.51
C TYR A 9 -8.28 -5.98 9.08
N ALA A 11 -8.70 -5.05 6.26
CA ALA A 11 -9.02 -3.74 5.66
C ALA A 11 -7.95 -2.68 5.96
N CYS A 12 -7.46 -2.74 7.17
CA CYS A 12 -6.40 -1.80 7.66
C CYS A 12 -5.08 -1.87 6.87
N GLU A 13 -4.98 -2.91 6.09
CA GLU A 13 -3.79 -3.18 5.23
C GLU A 13 -4.30 -3.06 3.77
N ASN A 14 -5.43 -3.68 3.53
CA ASN A 14 -6.04 -3.65 2.16
C ASN A 14 -6.19 -2.19 1.71
N ASN A 15 -6.55 -1.38 2.66
CA ASN A 15 -6.75 0.08 2.43
C ASN A 15 -5.56 0.62 1.68
N CYS A 16 -4.40 0.21 2.08
CA CYS A 16 -3.19 0.71 1.38
C CYS A 16 -2.86 -0.17 0.20
N ARG A 17 -3.36 -1.37 0.17
CA ARG A 17 -3.00 -2.21 -1.02
C ARG A 17 -3.71 -1.66 -2.25
N LYS A 18 -4.96 -1.32 -2.04
CA LYS A 18 -5.76 -0.78 -3.17
C LYS A 18 -5.27 0.65 -3.40
N LYS A 19 -5.11 1.38 -2.33
CA LYS A 19 -4.62 2.80 -2.48
C LYS A 19 -3.31 2.80 -3.27
N TYR A 20 -2.39 1.93 -2.92
CA TYR A 20 -1.08 1.88 -3.65
C TYR A 20 -1.33 1.79 -5.16
N ASP A 21 -2.27 0.96 -5.49
CA ASP A 21 -2.60 0.77 -6.92
C ASP A 21 -3.16 2.05 -7.53
N LEU A 22 -4.24 2.51 -6.95
CA LEU A 22 -4.89 3.77 -7.45
C LEU A 22 -3.85 4.89 -7.53
N CYS A 23 -3.23 5.10 -6.41
CA CYS A 23 -2.17 6.12 -6.16
C CYS A 23 -1.19 6.24 -7.31
N ILE A 24 -0.96 5.16 -8.01
CA ILE A 24 0.00 5.23 -9.14
C ILE A 24 -0.54 6.05 -10.32
N ARG A 25 -0.45 7.33 -10.13
CA ARG A 25 -0.89 8.29 -11.17
C ARG A 25 0.46 8.56 -11.79
N CYS A 26 1.05 7.48 -12.26
CA CYS A 26 2.38 7.64 -12.89
C CYS A 26 2.20 8.53 -14.13
N GLN A 27 0.95 8.69 -14.47
CA GLN A 27 0.55 9.50 -15.63
C GLN A 27 0.05 10.83 -15.06
N GLY A 28 0.27 11.90 -15.79
CA GLY A 28 -0.19 13.22 -15.28
C GLY A 28 0.61 13.58 -14.04
N LYS A 29 0.02 13.32 -12.90
CA LYS A 29 0.66 13.62 -11.57
C LYS A 29 2.15 13.27 -11.57
N TRP A 30 2.49 12.12 -12.09
CA TRP A 30 3.94 11.71 -12.12
C TRP A 30 4.46 11.64 -13.57
N ALA A 31 4.01 12.55 -14.40
CA ALA A 31 4.39 12.64 -15.86
C ALA A 31 5.89 12.51 -16.14
N GLY A 32 6.33 11.29 -15.99
CA GLY A 32 7.78 11.00 -16.23
C GLY A 32 8.37 10.48 -14.93
N LYS A 33 7.75 10.88 -13.85
CA LYS A 33 8.20 10.47 -12.49
C LYS A 33 7.67 9.04 -12.28
N ARG A 34 6.92 8.59 -13.24
CA ARG A 34 6.28 7.24 -13.29
C ARG A 34 7.08 6.19 -12.51
N GLY A 35 8.23 5.82 -13.02
CA GLY A 35 9.11 4.80 -12.36
C GLY A 35 9.15 4.95 -10.83
N LYS A 36 9.06 6.18 -10.42
CA LYS A 36 9.08 6.54 -8.98
C LYS A 36 7.65 6.60 -8.41
N CYS A 37 6.66 6.96 -9.21
CA CYS A 37 5.24 7.01 -8.65
C CYS A 37 4.98 5.64 -8.07
N ALA A 38 5.48 4.70 -8.82
CA ALA A 38 5.34 3.28 -8.43
C ALA A 38 5.93 3.05 -7.03
N ALA A 39 7.23 3.13 -6.94
CA ALA A 39 7.95 2.93 -5.63
C ALA A 39 7.18 3.65 -4.53
N HIS A 40 7.05 4.93 -4.77
CA HIS A 40 6.35 5.87 -3.86
C HIS A 40 5.09 5.25 -3.27
N CYS A 41 4.24 4.87 -4.19
CA CYS A 41 2.95 4.26 -3.82
C CYS A 41 3.09 2.85 -3.29
N ILE A 42 4.14 2.15 -3.60
CA ILE A 42 4.26 0.77 -3.07
C ILE A 42 4.50 0.79 -1.56
N ILE A 43 5.40 1.65 -1.16
CA ILE A 43 5.74 1.78 0.29
C ILE A 43 4.46 1.81 1.11
N GLN A 44 3.46 2.41 0.52
CA GLN A 44 2.15 2.50 1.24
C GLN A 44 1.65 1.09 1.59
N LYS A 45 1.27 0.33 0.59
CA LYS A 45 0.76 -1.05 0.83
C LYS A 45 1.70 -1.89 1.71
N ASN A 46 2.97 -1.64 1.55
CA ASN A 46 4.00 -2.38 2.34
C ASN A 46 4.29 -1.79 3.71
N ASN A 47 3.97 -0.55 3.93
CA ASN A 47 4.25 0.04 5.29
C ASN A 47 3.05 -0.38 6.14
N CYS A 48 1.91 -0.31 5.51
CA CYS A 48 0.60 -0.70 6.16
C CYS A 48 0.80 -2.02 6.97
N LYS A 49 1.42 -2.92 6.25
CA LYS A 49 1.75 -4.30 6.72
C LYS A 49 2.49 -4.34 8.07
N GLY A 50 3.20 -3.28 8.38
CA GLY A 50 3.97 -3.20 9.66
C GLY A 50 3.40 -2.13 10.59
N LYS A 51 2.18 -1.80 10.29
CA LYS A 51 1.42 -0.79 11.07
C LYS A 51 0.31 -1.60 11.73
N CYS A 52 -0.48 -2.21 10.89
CA CYS A 52 -1.61 -3.05 11.39
C CYS A 52 -1.29 -4.54 11.35
N LYS A 53 -0.61 -4.97 10.32
CA LYS A 53 -0.29 -6.43 10.27
C LYS A 53 1.02 -6.73 10.97
N LYS A 54 1.37 -7.98 10.95
CA LYS A 54 2.62 -8.44 11.61
C LYS A 54 3.52 -9.10 10.57
N GLU A 55 4.72 -9.41 10.98
CA GLU A 55 5.71 -10.06 10.07
C GLU A 55 6.35 -11.30 10.74
N ALA A 1 0.57 2.11 21.91
CA ALA A 1 -0.51 2.81 21.15
C ALA A 1 -1.80 2.00 21.24
N SER A 2 -2.83 2.52 20.65
CA SER A 2 -4.14 1.83 20.66
C SER A 2 -4.06 0.68 19.64
N ALA A 3 -3.35 -0.35 20.04
CA ALA A 3 -3.16 -1.56 19.19
C ALA A 3 -4.42 -2.42 19.27
N THR A 4 -5.51 -1.82 18.88
CA THR A 4 -6.84 -2.50 18.90
C THR A 4 -7.30 -2.84 17.47
N TRP A 5 -6.62 -3.77 16.89
CA TRP A 5 -6.95 -4.21 15.49
C TRP A 5 -7.10 -5.74 15.54
N GLY A 6 -7.26 -6.36 14.39
CA GLY A 6 -7.43 -7.85 14.35
C GLY A 6 -8.68 -8.21 13.59
N ALA A 7 -9.75 -7.54 13.91
CA ALA A 7 -11.05 -7.83 13.21
C ALA A 7 -11.04 -7.18 11.83
N ALA A 8 -10.49 -6.00 11.77
CA ALA A 8 -10.41 -5.27 10.47
C ALA A 8 -9.00 -5.45 9.90
N TYR A 9 -8.24 -6.27 10.57
CA TYR A 9 -6.82 -6.55 10.14
C TYR A 9 -6.69 -6.72 8.61
N ALA A 11 -8.19 -5.66 6.31
CA ALA A 11 -8.53 -4.41 5.59
C ALA A 11 -7.36 -3.49 5.81
N CYS A 12 -6.97 -3.39 7.06
CA CYS A 12 -5.81 -2.52 7.47
C CYS A 12 -4.64 -2.65 6.49
N GLU A 13 -4.51 -3.83 5.94
CA GLU A 13 -3.42 -4.12 4.96
C GLU A 13 -3.87 -4.17 3.49
N ASN A 14 -5.08 -4.61 3.24
CA ASN A 14 -5.52 -4.68 1.81
C ASN A 14 -5.88 -3.30 1.28
N ASN A 15 -6.38 -2.47 2.15
CA ASN A 15 -6.74 -1.09 1.72
C ASN A 15 -5.55 -0.46 0.98
N CYS A 16 -4.38 -0.55 1.57
CA CYS A 16 -3.21 0.04 0.89
C CYS A 16 -2.78 -0.83 -0.27
N ARG A 17 -3.10 -2.11 -0.20
CA ARG A 17 -2.69 -3.01 -1.32
C ARG A 17 -3.36 -2.50 -2.58
N LYS A 18 -4.64 -2.23 -2.43
CA LYS A 18 -5.39 -1.72 -3.59
C LYS A 18 -4.91 -0.29 -3.81
N LYS A 19 -4.91 0.52 -2.77
CA LYS A 19 -4.43 1.93 -2.93
C LYS A 19 -3.17 1.99 -3.79
N TYR A 20 -2.19 1.20 -3.46
CA TYR A 20 -0.91 1.16 -4.22
C TYR A 20 -1.18 1.06 -5.73
N ASP A 21 -2.17 0.27 -6.04
CA ASP A 21 -2.59 0.02 -7.44
C ASP A 21 -3.60 1.07 -7.91
N LEU A 22 -4.11 1.78 -6.95
CA LEU A 22 -5.11 2.87 -7.21
C LEU A 22 -4.47 4.21 -6.79
N CYS A 23 -3.16 4.19 -6.78
CA CYS A 23 -2.32 5.38 -6.40
C CYS A 23 -1.32 5.68 -7.52
N ILE A 24 -0.78 4.65 -8.11
CA ILE A 24 0.22 4.83 -9.21
C ILE A 24 -0.40 5.66 -10.37
N ARG A 25 -0.37 6.93 -10.13
CA ARG A 25 -0.88 7.96 -11.06
C ARG A 25 0.34 8.50 -11.73
N CYS A 26 1.13 7.60 -12.26
CA CYS A 26 2.37 8.04 -12.97
C CYS A 26 2.11 8.96 -14.16
N GLN A 27 0.88 9.36 -14.28
CA GLN A 27 0.48 10.25 -15.37
C GLN A 27 0.20 11.58 -14.65
N GLY A 28 -0.89 12.20 -15.00
CA GLY A 28 -1.36 13.50 -14.42
C GLY A 28 -0.57 14.12 -13.26
N LYS A 29 -0.56 13.51 -12.11
CA LYS A 29 0.20 14.11 -10.97
C LYS A 29 1.67 13.65 -10.86
N TRP A 30 2.04 12.56 -11.50
CA TRP A 30 3.46 12.08 -11.43
C TRP A 30 4.03 12.19 -12.86
N ALA A 31 3.51 13.12 -13.61
CA ALA A 31 3.96 13.33 -15.02
C ALA A 31 5.42 13.75 -15.11
N GLY A 32 6.24 12.75 -15.01
CA GLY A 32 7.72 12.97 -15.08
C GLY A 32 8.41 12.51 -13.83
N LYS A 33 7.58 12.05 -12.95
CA LYS A 33 8.04 11.51 -11.64
C LYS A 33 7.89 9.98 -11.84
N ARG A 34 7.79 9.62 -13.10
CA ARG A 34 7.63 8.20 -13.49
C ARG A 34 8.90 7.45 -13.12
N GLY A 35 8.70 6.38 -12.41
CA GLY A 35 9.85 5.54 -11.95
C GLY A 35 9.80 5.64 -10.42
N LYS A 36 9.34 6.79 -10.01
CA LYS A 36 9.21 7.10 -8.56
C LYS A 36 7.73 6.89 -8.22
N CYS A 37 6.80 7.33 -9.08
CA CYS A 37 5.32 7.11 -8.79
C CYS A 37 5.15 5.73 -8.18
N ALA A 38 5.79 4.89 -8.93
CA ALA A 38 5.83 3.45 -8.65
C ALA A 38 6.17 3.13 -7.19
N ALA A 39 7.44 3.11 -6.89
CA ALA A 39 7.93 2.82 -5.50
C ALA A 39 7.01 3.47 -4.48
N HIS A 40 6.86 4.76 -4.66
CA HIS A 40 6.01 5.59 -3.78
C HIS A 40 4.71 4.87 -3.39
N CYS A 41 4.03 4.40 -4.40
CA CYS A 41 2.75 3.69 -4.18
C CYS A 41 3.01 2.32 -3.54
N ILE A 42 3.91 1.57 -4.12
CA ILE A 42 4.25 0.21 -3.59
C ILE A 42 4.49 0.24 -2.06
N ILE A 43 5.39 1.12 -1.74
CA ILE A 43 5.83 1.38 -0.34
C ILE A 43 4.64 1.45 0.57
N GLN A 44 3.52 1.86 0.05
CA GLN A 44 2.35 1.96 0.96
C GLN A 44 1.77 0.57 1.24
N LYS A 45 1.49 -0.20 0.23
CA LYS A 45 0.91 -1.58 0.48
C LYS A 45 1.81 -2.37 1.42
N ASN A 46 3.08 -2.05 1.38
CA ASN A 46 4.03 -2.78 2.27
C ASN A 46 4.09 -2.07 3.62
N ASN A 47 4.38 -0.79 3.61
CA ASN A 47 4.44 -0.01 4.91
C ASN A 47 3.21 -0.39 5.74
N CYS A 48 2.08 -0.41 5.06
CA CYS A 48 0.76 -0.76 5.68
C CYS A 48 0.93 -1.95 6.64
N LYS A 49 1.53 -2.99 6.09
CA LYS A 49 1.77 -4.24 6.87
C LYS A 49 2.36 -3.88 8.24
N GLY A 50 3.25 -2.92 8.24
CA GLY A 50 3.93 -2.44 9.49
C GLY A 50 2.94 -2.18 10.62
N LYS A 51 1.71 -1.94 10.26
CA LYS A 51 0.63 -1.68 11.26
C LYS A 51 -0.37 -2.83 11.32
N CYS A 52 -0.42 -3.61 10.27
CA CYS A 52 -1.38 -4.76 10.25
C CYS A 52 -0.71 -6.12 10.57
N LYS A 53 0.29 -6.40 9.80
CA LYS A 53 1.03 -7.68 9.94
C LYS A 53 2.10 -7.52 11.03
N LYS A 54 1.61 -7.19 12.20
CA LYS A 54 2.51 -6.99 13.37
C LYS A 54 2.81 -8.34 14.05
N GLU A 55 1.85 -9.22 13.99
CA GLU A 55 1.98 -10.58 14.60
C GLU A 55 1.93 -11.67 13.49
N ALA A 1 -9.65 -22.69 11.36
CA ALA A 1 -9.87 -21.24 11.68
C ALA A 1 -9.67 -21.04 13.20
N SER A 2 -8.57 -21.52 13.68
CA SER A 2 -8.24 -21.40 15.13
C SER A 2 -7.57 -20.05 15.43
N ALA A 3 -6.80 -19.56 14.48
CA ALA A 3 -6.10 -18.25 14.67
C ALA A 3 -6.91 -17.20 13.89
N THR A 4 -7.77 -16.50 14.58
CA THR A 4 -8.60 -15.45 13.91
C THR A 4 -8.19 -14.03 14.34
N TRP A 5 -7.10 -13.53 13.79
CA TRP A 5 -6.62 -12.16 14.13
C TRP A 5 -6.65 -11.26 12.88
N GLY A 6 -5.63 -11.40 12.07
CA GLY A 6 -5.52 -10.59 10.81
C GLY A 6 -6.73 -10.70 9.88
N ALA A 7 -7.55 -11.70 10.08
CA ALA A 7 -8.75 -11.89 9.23
C ALA A 7 -9.96 -11.15 9.84
N ALA A 8 -9.69 -10.46 10.92
CA ALA A 8 -10.75 -9.68 11.62
C ALA A 8 -10.60 -8.19 11.25
N TYR A 9 -9.40 -7.68 11.32
CA TYR A 9 -9.16 -6.24 10.97
C TYR A 9 -8.55 -5.93 9.58
N ALA A 11 -8.70 -5.06 6.62
CA ALA A 11 -8.95 -3.76 5.93
C ALA A 11 -7.86 -2.72 6.21
N CYS A 12 -7.55 -2.58 7.47
CA CYS A 12 -6.52 -1.59 7.93
C CYS A 12 -5.29 -1.64 7.04
N GLU A 13 -4.99 -2.82 6.57
CA GLU A 13 -3.81 -3.02 5.70
C GLU A 13 -4.30 -2.97 4.24
N ASN A 14 -5.18 -3.88 3.92
CA ASN A 14 -5.75 -3.98 2.53
C ASN A 14 -6.05 -2.62 1.87
N ASN A 15 -6.47 -1.69 2.68
CA ASN A 15 -6.79 -0.33 2.17
C ASN A 15 -5.58 0.22 1.40
N CYS A 16 -4.42 0.06 1.99
CA CYS A 16 -3.19 0.56 1.32
C CYS A 16 -2.81 -0.31 0.13
N ARG A 17 -3.45 -1.45 -0.01
CA ARG A 17 -3.09 -2.31 -1.16
C ARG A 17 -3.77 -1.68 -2.38
N LYS A 18 -5.01 -1.31 -2.21
CA LYS A 18 -5.71 -0.67 -3.36
C LYS A 18 -5.10 0.72 -3.51
N LYS A 19 -4.86 1.35 -2.39
CA LYS A 19 -4.25 2.72 -2.40
C LYS A 19 -2.96 2.71 -3.23
N TYR A 20 -2.03 1.83 -2.91
CA TYR A 20 -0.73 1.76 -3.66
C TYR A 20 -1.02 1.76 -5.17
N ASP A 21 -2.07 1.07 -5.54
CA ASP A 21 -2.44 1.02 -6.97
C ASP A 21 -3.01 2.37 -7.47
N LEU A 22 -4.12 2.79 -6.91
CA LEU A 22 -4.75 4.09 -7.33
C LEU A 22 -3.74 5.24 -7.26
N CYS A 23 -2.91 5.13 -6.27
CA CYS A 23 -1.82 6.12 -5.97
C CYS A 23 -0.86 6.26 -7.14
N ILE A 24 -0.72 5.20 -7.90
CA ILE A 24 0.21 5.24 -9.06
C ILE A 24 -0.37 6.07 -10.20
N ARG A 25 -0.35 7.35 -9.99
CA ARG A 25 -0.87 8.29 -11.02
C ARG A 25 0.40 8.54 -11.82
N CYS A 26 0.96 7.48 -12.34
CA CYS A 26 2.21 7.66 -13.14
C CYS A 26 1.94 8.59 -14.31
N GLN A 27 0.68 8.75 -14.56
CA GLN A 27 0.25 9.62 -15.67
C GLN A 27 -0.22 10.96 -15.10
N GLY A 28 0.10 12.01 -15.80
CA GLY A 28 -0.32 13.36 -15.32
C GLY A 28 0.41 13.74 -14.03
N LYS A 29 -0.17 13.30 -12.94
CA LYS A 29 0.39 13.56 -11.59
C LYS A 29 1.89 13.23 -11.58
N TRP A 30 2.23 12.08 -12.09
CA TRP A 30 3.67 11.70 -12.12
C TRP A 30 4.16 11.69 -13.58
N ALA A 31 3.69 12.64 -14.35
CA ALA A 31 4.07 12.76 -15.80
C ALA A 31 5.58 12.83 -16.03
N GLY A 32 6.18 11.67 -15.93
CA GLY A 32 7.66 11.60 -16.15
C GLY A 32 8.38 11.36 -14.84
N LYS A 33 7.60 11.29 -13.80
CA LYS A 33 8.12 11.05 -12.44
C LYS A 33 7.98 9.53 -12.23
N ARG A 34 7.52 8.86 -13.27
CA ARG A 34 7.30 7.37 -13.29
C ARG A 34 8.29 6.68 -12.35
N GLY A 35 9.54 7.04 -12.55
CA GLY A 35 10.71 6.53 -11.77
C GLY A 35 10.34 6.12 -10.35
N LYS A 36 9.46 6.90 -9.77
CA LYS A 36 9.00 6.62 -8.38
C LYS A 36 7.47 6.55 -8.27
N CYS A 37 6.70 6.87 -9.30
CA CYS A 37 5.19 6.79 -9.15
C CYS A 37 4.88 5.42 -8.60
N ALA A 38 5.75 4.55 -9.01
CA ALA A 38 5.63 3.16 -8.59
C ALA A 38 6.20 2.95 -7.19
N ALA A 39 7.51 2.81 -7.10
CA ALA A 39 8.20 2.59 -5.78
C ALA A 39 7.50 3.31 -4.61
N HIS A 40 7.27 4.56 -4.86
CA HIS A 40 6.60 5.43 -3.87
C HIS A 40 5.28 4.85 -3.43
N CYS A 41 4.48 4.47 -4.36
CA CYS A 41 3.17 3.91 -3.99
C CYS A 41 3.35 2.50 -3.43
N ILE A 42 4.31 1.78 -3.91
CA ILE A 42 4.48 0.39 -3.36
C ILE A 42 4.73 0.48 -1.85
N ILE A 43 5.49 1.47 -1.48
CA ILE A 43 5.77 1.60 -0.03
C ILE A 43 4.47 1.73 0.75
N GLN A 44 3.39 2.06 0.09
CA GLN A 44 2.09 2.19 0.83
C GLN A 44 1.56 0.80 1.16
N LYS A 45 1.49 -0.10 0.21
CA LYS A 45 0.97 -1.49 0.49
C LYS A 45 1.96 -2.22 1.40
N ASN A 46 3.10 -1.63 1.56
CA ASN A 46 4.16 -2.22 2.41
C ASN A 46 3.94 -1.63 3.82
N ASN A 47 4.25 -0.37 3.96
CA ASN A 47 4.11 0.39 5.25
C ASN A 47 2.98 -0.16 6.15
N CYS A 48 1.85 -0.21 5.50
CA CYS A 48 0.58 -0.69 6.12
C CYS A 48 0.74 -2.02 6.89
N LYS A 49 1.40 -2.96 6.26
CA LYS A 49 1.63 -4.30 6.91
C LYS A 49 2.47 -4.18 8.20
N GLY A 50 3.01 -3.01 8.40
CA GLY A 50 3.86 -2.75 9.62
C GLY A 50 3.13 -1.74 10.51
N LYS A 51 1.85 -1.59 10.25
CA LYS A 51 0.98 -0.65 11.02
C LYS A 51 -0.01 -1.47 11.85
N CYS A 52 -0.93 -2.16 11.22
CA CYS A 52 -1.93 -3.00 11.98
C CYS A 52 -1.55 -4.48 11.97
N LYS A 53 -0.66 -4.83 11.08
CA LYS A 53 -0.21 -6.24 10.97
C LYS A 53 1.13 -6.44 11.64
N LYS A 54 1.55 -7.67 11.69
CA LYS A 54 2.84 -8.03 12.33
C LYS A 54 3.80 -8.60 11.28
N GLU A 55 4.68 -7.74 10.81
CA GLU A 55 5.68 -8.16 9.79
C GLU A 55 7.10 -8.01 10.36
N ALA A 1 5.41 -18.82 12.76
CA ALA A 1 5.69 -17.36 12.77
C ALA A 1 4.75 -16.68 13.78
N SER A 2 3.49 -16.91 13.59
CA SER A 2 2.44 -16.34 14.48
C SER A 2 1.25 -17.32 14.41
N ALA A 3 0.15 -16.91 14.97
CA ALA A 3 -1.07 -17.76 14.96
C ALA A 3 -1.91 -17.16 13.82
N THR A 4 -3.21 -17.29 13.87
CA THR A 4 -4.07 -16.73 12.78
C THR A 4 -4.23 -15.21 12.92
N TRP A 5 -3.14 -14.49 12.77
CA TRP A 5 -3.18 -12.99 12.87
C TRP A 5 -2.78 -12.39 11.52
N GLY A 6 -1.91 -11.40 11.53
CA GLY A 6 -1.45 -10.74 10.26
C GLY A 6 -2.61 -10.52 9.29
N ALA A 7 -2.64 -11.32 8.23
CA ALA A 7 -3.72 -11.22 7.20
C ALA A 7 -5.07 -10.94 7.86
N ALA A 8 -5.25 -11.57 8.99
CA ALA A 8 -6.49 -11.44 9.81
C ALA A 8 -7.14 -10.06 9.76
N TYR A 9 -6.35 -9.02 9.91
CA TYR A 9 -6.89 -7.62 9.87
C TYR A 9 -6.67 -6.84 8.55
N ALA A 11 -9.09 -4.89 6.94
CA ALA A 11 -9.87 -3.62 7.08
C ALA A 11 -9.12 -2.29 6.90
N CYS A 12 -8.09 -2.15 7.69
CA CYS A 12 -7.25 -0.92 7.71
C CYS A 12 -5.98 -1.03 6.87
N GLU A 13 -6.00 -2.01 6.02
CA GLU A 13 -4.86 -2.29 5.10
C GLU A 13 -5.45 -1.94 3.75
N ASN A 14 -6.58 -2.55 3.46
CA ASN A 14 -7.31 -2.34 2.18
C ASN A 14 -7.18 -0.92 1.69
N ASN A 15 -7.45 0.00 2.58
CA ASN A 15 -7.34 1.47 2.23
C ASN A 15 -6.00 1.71 1.54
N CYS A 16 -4.95 1.25 2.13
CA CYS A 16 -3.60 1.46 1.54
C CYS A 16 -3.32 0.49 0.41
N ARG A 17 -4.08 -0.58 0.36
CA ARG A 17 -3.84 -1.55 -0.75
C ARG A 17 -4.48 -0.84 -1.93
N LYS A 18 -5.77 -0.66 -1.85
CA LYS A 18 -6.53 0.04 -2.94
C LYS A 18 -5.70 1.29 -3.28
N LYS A 19 -5.53 2.12 -2.29
CA LYS A 19 -4.74 3.38 -2.47
C LYS A 19 -3.46 3.10 -3.25
N TYR A 20 -2.61 2.17 -2.85
CA TYR A 20 -1.35 1.89 -3.62
C TYR A 20 -1.66 1.79 -5.13
N ASP A 21 -2.75 1.12 -5.39
CA ASP A 21 -3.23 0.89 -6.78
C ASP A 21 -4.02 2.08 -7.32
N LEU A 22 -4.47 2.91 -6.44
CA LEU A 22 -5.25 4.12 -6.84
C LEU A 22 -4.34 5.35 -6.63
N CYS A 23 -3.10 5.07 -6.33
CA CYS A 23 -2.10 6.13 -6.09
C CYS A 23 -1.22 6.24 -7.33
N ILE A 24 -0.73 5.13 -7.81
CA ILE A 24 0.15 5.10 -9.03
C ILE A 24 -0.25 5.99 -10.25
N ARG A 25 -0.22 7.28 -10.06
CA ARG A 25 -0.58 8.21 -11.16
C ARG A 25 0.73 8.39 -11.90
N CYS A 26 1.23 7.29 -12.40
CA CYS A 26 2.54 7.35 -13.15
C CYS A 26 2.43 8.28 -14.34
N GLN A 27 1.20 8.61 -14.62
CA GLN A 27 0.87 9.49 -15.74
C GLN A 27 0.40 10.83 -15.17
N GLY A 28 0.69 11.88 -15.88
CA GLY A 28 0.25 13.21 -15.37
C GLY A 28 0.99 13.54 -14.07
N LYS A 29 0.38 13.16 -12.98
CA LYS A 29 0.95 13.41 -11.62
C LYS A 29 2.41 12.98 -11.57
N TRP A 30 2.71 11.82 -12.09
CA TRP A 30 4.13 11.36 -12.08
C TRP A 30 4.66 11.35 -13.52
N ALA A 31 4.35 12.38 -14.25
CA ALA A 31 4.79 12.56 -15.68
C ALA A 31 6.31 12.37 -15.88
N GLY A 32 6.70 11.13 -15.84
CA GLY A 32 8.14 10.80 -16.02
C GLY A 32 8.80 10.45 -14.72
N LYS A 33 8.01 10.49 -13.69
CA LYS A 33 8.51 10.17 -12.31
C LYS A 33 8.22 8.67 -12.12
N ARG A 34 7.75 8.05 -13.18
CA ARG A 34 7.42 6.58 -13.21
C ARG A 34 8.30 5.79 -12.25
N GLY A 35 9.59 6.06 -12.39
CA GLY A 35 10.66 5.42 -11.56
C GLY A 35 10.22 5.10 -10.14
N LYS A 36 9.45 6.00 -9.58
CA LYS A 36 8.96 5.79 -8.19
C LYS A 36 7.43 5.83 -8.09
N CYS A 37 6.70 6.30 -9.08
CA CYS A 37 5.17 6.33 -8.96
C CYS A 37 4.75 4.99 -8.40
N ALA A 38 5.49 4.06 -8.92
CA ALA A 38 5.28 2.67 -8.54
C ALA A 38 5.78 2.42 -7.11
N ALA A 39 7.06 2.21 -6.98
CA ALA A 39 7.68 1.96 -5.63
C ALA A 39 6.95 2.73 -4.53
N HIS A 40 6.94 4.02 -4.72
CA HIS A 40 6.29 4.96 -3.77
C HIS A 40 4.94 4.49 -3.30
N CYS A 41 4.11 4.18 -4.25
CA CYS A 41 2.73 3.69 -3.91
C CYS A 41 2.79 2.31 -3.25
N ILE A 42 3.74 1.51 -3.65
CA ILE A 42 3.84 0.14 -3.03
C ILE A 42 4.31 0.24 -1.57
N ILE A 43 5.23 1.14 -1.33
CA ILE A 43 5.76 1.32 0.04
C ILE A 43 4.59 1.55 0.99
N GLN A 44 3.50 2.02 0.44
CA GLN A 44 2.30 2.29 1.29
C GLN A 44 1.56 0.99 1.68
N LYS A 45 1.03 0.26 0.72
CA LYS A 45 0.28 -1.03 1.02
C LYS A 45 1.06 -1.93 2.00
N ASN A 46 2.34 -1.69 2.01
CA ASN A 46 3.30 -2.44 2.88
C ASN A 46 3.41 -1.70 4.22
N ASN A 47 3.83 -0.45 4.21
CA ASN A 47 3.95 0.29 5.51
C ASN A 47 2.66 0.13 6.36
N CYS A 48 1.56 0.07 5.67
CA CYS A 48 0.22 -0.10 6.31
C CYS A 48 0.16 -1.41 7.08
N LYS A 49 0.69 -2.44 6.48
CA LYS A 49 0.71 -3.80 7.12
C LYS A 49 1.09 -3.72 8.60
N GLY A 50 2.32 -3.36 8.81
CA GLY A 50 2.86 -3.25 10.21
C GLY A 50 2.16 -2.18 11.05
N LYS A 51 1.27 -1.45 10.44
CA LYS A 51 0.55 -0.39 11.19
C LYS A 51 -0.69 -1.10 11.74
N CYS A 52 -1.48 -1.65 10.86
CA CYS A 52 -2.72 -2.36 11.30
C CYS A 52 -2.71 -3.90 11.33
N LYS A 53 -2.05 -4.54 10.40
CA LYS A 53 -2.03 -6.04 10.38
C LYS A 53 -1.16 -6.52 11.56
N LYS A 54 -1.82 -6.74 12.65
CA LYS A 54 -1.11 -7.22 13.88
C LYS A 54 -0.39 -8.55 13.59
N GLU A 55 0.81 -8.65 14.07
CA GLU A 55 1.59 -9.91 13.84
C GLU A 55 1.52 -10.80 15.09
N ALA A 1 -9.51 -5.10 24.25
CA ALA A 1 -8.70 -5.51 23.06
C ALA A 1 -7.27 -4.98 23.24
N SER A 2 -6.36 -5.56 22.52
CA SER A 2 -4.93 -5.12 22.60
C SER A 2 -4.57 -4.44 21.28
N ALA A 3 -3.33 -4.04 21.12
CA ALA A 3 -2.90 -3.37 19.85
C ALA A 3 -2.18 -4.46 19.04
N THR A 4 -2.72 -5.62 19.18
CA THR A 4 -2.19 -6.84 18.50
C THR A 4 -3.31 -7.57 17.75
N TRP A 5 -3.64 -7.16 16.55
CA TRP A 5 -4.75 -7.88 15.81
C TRP A 5 -4.37 -8.29 14.36
N GLY A 6 -5.13 -7.83 13.41
CA GLY A 6 -4.88 -8.16 11.97
C GLY A 6 -6.11 -8.91 11.49
N ALA A 7 -6.03 -10.22 11.46
CA ALA A 7 -7.14 -11.14 11.00
C ALA A 7 -8.62 -10.70 11.17
N ALA A 8 -8.87 -9.75 12.03
CA ALA A 8 -10.28 -9.28 12.23
C ALA A 8 -10.37 -8.01 11.39
N TYR A 9 -9.39 -7.14 11.52
CA TYR A 9 -9.39 -5.87 10.74
C TYR A 9 -8.47 -5.83 9.50
N ALA A 11 -8.33 -5.55 6.64
CA ALA A 11 -8.67 -4.61 5.54
C ALA A 11 -7.72 -3.41 5.69
N CYS A 12 -7.43 -3.14 6.95
CA CYS A 12 -6.53 -2.01 7.30
C CYS A 12 -5.19 -2.15 6.58
N GLU A 13 -4.88 -3.33 6.14
CA GLU A 13 -3.59 -3.58 5.40
C GLU A 13 -3.88 -3.67 3.89
N ASN A 14 -5.13 -3.87 3.57
CA ASN A 14 -5.62 -4.00 2.14
C ASN A 14 -5.97 -2.63 1.53
N ASN A 15 -6.47 -1.74 2.35
CA ASN A 15 -6.85 -0.38 1.88
C ASN A 15 -5.66 0.21 1.10
N CYS A 16 -4.51 0.06 1.68
CA CYS A 16 -3.25 0.56 1.07
C CYS A 16 -2.84 -0.27 -0.14
N ARG A 17 -3.34 -1.46 -0.25
CA ARG A 17 -2.95 -2.29 -1.43
C ARG A 17 -3.72 -1.66 -2.59
N LYS A 18 -4.99 -1.47 -2.36
CA LYS A 18 -5.84 -0.86 -3.41
C LYS A 18 -5.24 0.53 -3.66
N LYS A 19 -5.12 1.28 -2.59
CA LYS A 19 -4.54 2.66 -2.65
C LYS A 19 -3.25 2.63 -3.48
N TYR A 20 -2.37 1.72 -3.20
CA TYR A 20 -1.09 1.64 -3.97
C TYR A 20 -1.44 1.61 -5.46
N ASP A 21 -2.37 0.77 -5.77
CA ASP A 21 -2.82 0.61 -7.18
C ASP A 21 -3.80 1.72 -7.59
N LEU A 22 -4.21 2.51 -6.64
CA LEU A 22 -5.15 3.63 -6.94
C LEU A 22 -4.42 4.96 -6.68
N CYS A 23 -3.14 4.83 -6.41
CA CYS A 23 -2.23 5.99 -6.13
C CYS A 23 -1.29 6.23 -7.28
N ILE A 24 -0.75 5.17 -7.84
CA ILE A 24 0.20 5.31 -9.00
C ILE A 24 -0.23 6.21 -10.20
N ARG A 25 -0.28 7.49 -9.96
CA ARG A 25 -0.68 8.45 -11.03
C ARG A 25 0.61 8.74 -11.80
N CYS A 26 1.23 7.69 -12.28
CA CYS A 26 2.50 7.86 -13.07
C CYS A 26 2.27 8.84 -14.23
N GLN A 27 1.01 9.00 -14.50
CA GLN A 27 0.56 9.90 -15.58
C GLN A 27 -0.08 11.14 -14.96
N GLY A 28 0.12 12.28 -15.57
CA GLY A 28 -0.49 13.52 -15.00
C GLY A 28 0.20 14.00 -13.73
N LYS A 29 0.02 13.26 -12.67
CA LYS A 29 0.65 13.64 -11.36
C LYS A 29 2.13 13.27 -11.37
N TRP A 30 2.48 12.13 -11.90
CA TRP A 30 3.91 11.74 -11.92
C TRP A 30 4.45 11.81 -13.36
N ALA A 31 4.01 12.85 -14.04
CA ALA A 31 4.38 13.14 -15.47
C ALA A 31 5.88 13.08 -15.80
N GLY A 32 6.36 11.87 -15.79
CA GLY A 32 7.80 11.61 -16.08
C GLY A 32 8.48 11.12 -14.82
N LYS A 33 7.77 11.29 -13.74
CA LYS A 33 8.28 10.87 -12.41
C LYS A 33 8.06 9.37 -12.29
N ARG A 34 7.54 8.80 -13.35
CA ARG A 34 7.24 7.34 -13.48
C ARG A 34 8.24 6.52 -12.64
N GLY A 35 9.49 6.82 -12.93
CA GLY A 35 10.68 6.19 -12.27
C GLY A 35 10.42 5.82 -10.82
N LYS A 36 9.73 6.70 -10.15
CA LYS A 36 9.39 6.47 -8.72
C LYS A 36 7.89 6.47 -8.42
N CYS A 37 7.00 6.88 -9.32
CA CYS A 37 5.51 6.85 -8.99
C CYS A 37 5.22 5.55 -8.28
N ALA A 38 5.71 4.59 -9.00
CA ALA A 38 5.60 3.19 -8.58
C ALA A 38 6.07 2.96 -7.15
N ALA A 39 7.36 2.84 -7.01
CA ALA A 39 8.00 2.63 -5.67
C ALA A 39 7.23 3.37 -4.58
N HIS A 40 7.09 4.64 -4.86
CA HIS A 40 6.38 5.55 -3.94
C HIS A 40 5.03 5.00 -3.48
N CYS A 41 4.24 4.60 -4.44
CA CYS A 41 2.89 4.07 -4.09
C CYS A 41 2.97 2.67 -3.47
N ILE A 42 4.03 1.96 -3.78
CA ILE A 42 4.18 0.58 -3.22
C ILE A 42 4.42 0.64 -1.70
N ILE A 43 5.36 1.46 -1.32
CA ILE A 43 5.67 1.59 0.14
C ILE A 43 4.38 1.77 0.92
N GLN A 44 3.41 2.36 0.29
CA GLN A 44 2.12 2.57 0.99
C GLN A 44 1.43 1.23 1.26
N LYS A 45 1.46 0.30 0.33
CA LYS A 45 0.78 -1.01 0.58
C LYS A 45 1.65 -1.88 1.47
N ASN A 46 2.90 -1.51 1.56
CA ASN A 46 3.80 -2.33 2.43
C ASN A 46 3.82 -1.82 3.86
N ASN A 47 4.04 -0.54 4.05
CA ASN A 47 4.08 0.00 5.47
C ASN A 47 2.87 -0.53 6.25
N CYS A 48 1.79 -0.41 5.54
CA CYS A 48 0.44 -0.84 6.01
C CYS A 48 0.46 -2.24 6.66
N LYS A 49 1.14 -3.13 5.96
CA LYS A 49 1.29 -4.55 6.42
C LYS A 49 1.87 -4.66 7.82
N GLY A 50 2.49 -3.60 8.25
CA GLY A 50 3.11 -3.58 9.60
C GLY A 50 2.16 -2.70 10.39
N LYS A 51 2.08 -1.47 9.93
CA LYS A 51 1.21 -0.42 10.54
C LYS A 51 0.08 -1.01 11.37
N CYS A 52 -0.73 -1.81 10.71
CA CYS A 52 -1.87 -2.43 11.41
C CYS A 52 -1.64 -3.88 11.82
N LYS A 53 -0.78 -4.60 11.15
CA LYS A 53 -0.58 -6.03 11.54
C LYS A 53 0.81 -6.22 12.11
N LYS A 54 0.79 -6.65 13.33
CA LYS A 54 2.06 -6.91 14.08
C LYS A 54 2.26 -8.39 14.35
N GLU A 55 1.23 -9.19 14.25
CA GLU A 55 1.38 -10.67 14.51
C GLU A 55 1.06 -11.48 13.24
N ALA A 1 -8.74 -23.78 12.85
CA ALA A 1 -7.54 -23.23 13.56
C ALA A 1 -6.32 -23.29 12.62
N SER A 2 -6.37 -22.45 11.63
CA SER A 2 -5.28 -22.37 10.62
C SER A 2 -4.30 -21.28 11.09
N ALA A 3 -3.11 -21.25 10.53
CA ALA A 3 -2.10 -20.22 10.94
C ALA A 3 -2.02 -19.04 9.95
N THR A 4 -3.07 -18.27 9.90
CA THR A 4 -3.10 -17.11 8.97
C THR A 4 -3.70 -15.89 9.72
N TRP A 5 -2.92 -14.85 9.84
CA TRP A 5 -3.39 -13.61 10.55
C TRP A 5 -3.27 -12.41 9.58
N GLY A 6 -3.36 -12.71 8.32
CA GLY A 6 -3.25 -11.64 7.28
C GLY A 6 -4.66 -11.25 6.84
N ALA A 7 -5.58 -12.18 6.91
CA ALA A 7 -6.99 -11.89 6.50
C ALA A 7 -7.81 -11.40 7.71
N ALA A 8 -7.14 -11.17 8.81
CA ALA A 8 -7.85 -10.69 10.04
C ALA A 8 -7.71 -9.18 10.29
N TYR A 9 -6.75 -8.59 9.63
CA TYR A 9 -6.49 -7.13 9.78
C TYR A 9 -7.01 -6.18 8.66
N ALA A 11 -8.55 -3.88 7.61
CA ALA A 11 -8.76 -2.41 7.70
C ALA A 11 -7.46 -1.66 7.54
N CYS A 12 -6.37 -2.35 7.69
CA CYS A 12 -5.05 -1.67 7.55
C CYS A 12 -4.30 -2.27 6.33
N GLU A 13 -5.13 -2.70 5.41
CA GLU A 13 -4.67 -3.32 4.14
C GLU A 13 -5.57 -2.65 3.08
N ASN A 14 -6.84 -3.00 3.14
CA ASN A 14 -7.86 -2.43 2.19
C ASN A 14 -7.54 -1.01 1.71
N ASN A 15 -7.26 -0.18 2.66
CA ASN A 15 -6.93 1.24 2.41
C ASN A 15 -5.59 1.42 1.72
N CYS A 16 -4.51 1.01 2.31
CA CYS A 16 -3.22 1.22 1.59
C CYS A 16 -3.03 0.35 0.35
N ARG A 17 -3.86 -0.64 0.22
CA ARG A 17 -3.74 -1.55 -0.97
C ARG A 17 -4.50 -0.83 -2.08
N LYS A 18 -5.76 -0.53 -1.84
CA LYS A 18 -6.54 0.17 -2.90
C LYS A 18 -5.78 1.47 -3.19
N LYS A 19 -5.44 2.14 -2.13
CA LYS A 19 -4.68 3.42 -2.26
C LYS A 19 -3.45 3.17 -3.14
N TYR A 20 -2.59 2.24 -2.85
CA TYR A 20 -1.40 2.01 -3.73
C TYR A 20 -1.84 1.80 -5.17
N ASP A 21 -2.99 1.23 -5.33
CA ASP A 21 -3.52 0.96 -6.70
C ASP A 21 -4.24 2.14 -7.35
N LEU A 22 -4.53 3.16 -6.58
CA LEU A 22 -5.23 4.38 -7.13
C LEU A 22 -4.27 5.58 -7.15
N CYS A 23 -3.39 5.54 -6.19
CA CYS A 23 -2.37 6.59 -6.00
C CYS A 23 -1.34 6.54 -7.11
N ILE A 24 -1.14 5.36 -7.62
CA ILE A 24 -0.14 5.23 -8.69
C ILE A 24 -0.60 5.78 -10.04
N ARG A 25 -0.49 7.07 -10.06
CA ARG A 25 -0.86 7.88 -11.24
C ARG A 25 0.51 8.14 -11.85
N CYS A 26 1.16 7.04 -12.09
CA CYS A 26 2.53 7.11 -12.70
C CYS A 26 2.43 7.78 -14.08
N GLN A 27 1.21 7.99 -14.49
CA GLN A 27 0.97 8.62 -15.81
C GLN A 27 0.52 10.06 -15.53
N GLY A 28 0.78 10.95 -16.46
CA GLY A 28 0.38 12.38 -16.26
C GLY A 28 0.89 12.93 -14.94
N LYS A 29 0.11 12.73 -13.90
CA LYS A 29 0.47 13.20 -12.52
C LYS A 29 1.95 12.90 -12.26
N TRP A 30 2.36 11.70 -12.58
CA TRP A 30 3.80 11.34 -12.35
C TRP A 30 4.46 11.08 -13.72
N ALA A 31 4.14 11.88 -14.69
CA ALA A 31 4.67 11.79 -16.09
C ALA A 31 6.18 11.54 -16.24
N GLY A 32 6.55 10.35 -15.90
CA GLY A 32 7.99 9.97 -16.00
C GLY A 32 8.52 9.68 -14.62
N LYS A 33 7.81 10.17 -13.65
CA LYS A 33 8.18 9.98 -12.22
C LYS A 33 7.73 8.57 -11.80
N ARG A 34 7.10 7.89 -12.72
CA ARG A 34 6.56 6.49 -12.56
C ARG A 34 7.36 5.66 -11.53
N GLY A 35 8.57 5.33 -11.87
CA GLY A 35 9.47 4.52 -10.97
C GLY A 35 9.34 4.92 -9.50
N LYS A 36 9.09 6.18 -9.33
CA LYS A 36 8.92 6.79 -7.98
C LYS A 36 7.43 6.85 -7.62
N CYS A 37 6.53 7.07 -8.56
CA CYS A 37 5.06 7.13 -8.20
C CYS A 37 4.72 5.81 -7.59
N ALA A 38 5.15 4.84 -8.35
CA ALA A 38 4.91 3.47 -7.93
C ALA A 38 5.64 3.22 -6.65
N ALA A 39 6.95 3.20 -6.68
CA ALA A 39 7.73 2.97 -5.42
C ALA A 39 7.02 3.62 -4.23
N HIS A 40 6.97 4.93 -4.34
CA HIS A 40 6.32 5.80 -3.31
C HIS A 40 5.13 5.16 -2.68
N CYS A 41 4.19 4.83 -3.51
CA CYS A 41 2.95 4.21 -2.97
C CYS A 41 3.00 2.72 -2.81
N ILE A 42 4.03 2.17 -3.37
CA ILE A 42 4.17 0.70 -3.26
C ILE A 42 4.73 0.42 -1.84
N ILE A 43 5.57 1.29 -1.34
CA ILE A 43 6.11 1.03 0.02
C ILE A 43 5.01 1.33 1.05
N GLN A 44 3.84 1.69 0.58
CA GLN A 44 2.71 2.00 1.51
C GLN A 44 1.98 0.68 1.72
N LYS A 45 1.32 0.14 0.72
CA LYS A 45 0.58 -1.15 0.88
C LYS A 45 1.38 -2.13 1.76
N ASN A 46 2.68 -2.05 1.64
CA ASN A 46 3.58 -2.94 2.45
C ASN A 46 4.01 -2.31 3.78
N ASN A 47 4.14 -1.02 3.89
CA ASN A 47 4.57 -0.48 5.24
C ASN A 47 3.35 -0.60 6.14
N CYS A 48 2.24 -0.20 5.57
CA CYS A 48 0.91 -0.23 6.25
C CYS A 48 0.75 -1.42 7.19
N LYS A 49 0.92 -2.56 6.59
CA LYS A 49 0.81 -3.86 7.33
C LYS A 49 1.53 -3.92 8.67
N GLY A 50 2.50 -3.06 8.84
CA GLY A 50 3.26 -3.05 10.13
C GLY A 50 2.97 -1.74 10.87
N LYS A 51 1.81 -1.18 10.61
CA LYS A 51 1.42 0.11 11.27
C LYS A 51 0.20 0.06 12.24
N CYS A 52 -0.92 -0.49 11.85
CA CYS A 52 -2.08 -0.48 12.82
C CYS A 52 -2.36 -1.78 13.58
N LYS A 53 -2.49 -2.85 12.84
CA LYS A 53 -2.76 -4.17 13.48
C LYS A 53 -1.50 -5.04 13.33
N LYS A 54 -1.58 -6.13 12.62
CA LYS A 54 -0.37 -7.01 12.44
C LYS A 54 -0.16 -7.19 10.94
N GLU A 55 0.66 -8.12 10.55
CA GLU A 55 0.88 -8.31 9.09
C GLU A 55 -0.10 -9.34 8.51
N ALA A 1 -11.59 -20.57 16.89
CA ALA A 1 -12.01 -19.40 17.70
C ALA A 1 -10.85 -19.00 18.63
N SER A 2 -9.72 -18.71 18.02
CA SER A 2 -8.51 -18.32 18.81
C SER A 2 -8.00 -16.92 18.42
N ALA A 3 -6.85 -16.60 18.98
CA ALA A 3 -6.20 -15.29 18.72
C ALA A 3 -5.08 -15.46 17.68
N THR A 4 -5.36 -14.96 16.51
CA THR A 4 -4.39 -15.03 15.36
C THR A 4 -4.00 -13.57 15.13
N TRP A 5 -5.00 -12.87 14.65
CA TRP A 5 -5.05 -11.42 14.29
C TRP A 5 -5.12 -11.26 12.76
N GLY A 6 -5.20 -10.03 12.32
CA GLY A 6 -5.27 -9.74 10.85
C GLY A 6 -6.71 -9.94 10.39
N ALA A 7 -6.97 -11.16 10.05
CA ALA A 7 -8.30 -11.66 9.55
C ALA A 7 -9.61 -10.99 10.03
N ALA A 8 -9.54 -10.21 11.06
CA ALA A 8 -10.76 -9.53 11.58
C ALA A 8 -10.74 -8.09 11.06
N TYR A 9 -9.58 -7.50 11.08
CA TYR A 9 -9.43 -6.09 10.59
C TYR A 9 -8.84 -5.90 9.17
N ALA A 11 -8.93 -5.09 6.29
CA ALA A 11 -9.13 -3.81 5.56
C ALA A 11 -7.98 -2.87 5.92
N CYS A 12 -7.71 -2.83 7.19
CA CYS A 12 -6.62 -1.99 7.81
C CYS A 12 -5.30 -2.03 7.01
N GLU A 13 -5.08 -3.11 6.30
CA GLU A 13 -3.84 -3.28 5.48
C GLU A 13 -4.24 -3.44 4.00
N ASN A 14 -5.50 -3.62 3.71
CA ASN A 14 -5.90 -3.78 2.26
C ASN A 14 -6.04 -2.38 1.68
N ASN A 15 -6.43 -1.51 2.58
CA ASN A 15 -6.62 -0.05 2.32
C ASN A 15 -5.41 0.44 1.54
N CYS A 16 -4.25 0.06 2.00
CA CYS A 16 -3.02 0.51 1.30
C CYS A 16 -2.66 -0.39 0.13
N ARG A 17 -3.24 -1.56 0.08
CA ARG A 17 -2.89 -2.48 -1.05
C ARG A 17 -3.60 -1.90 -2.27
N LYS A 18 -4.89 -1.68 -2.12
CA LYS A 18 -5.63 -1.12 -3.26
C LYS A 18 -5.13 0.31 -3.45
N LYS A 19 -5.03 1.07 -2.39
CA LYS A 19 -4.53 2.48 -2.54
C LYS A 19 -3.20 2.50 -3.30
N TYR A 20 -2.25 1.65 -2.95
CA TYR A 20 -0.94 1.65 -3.69
C TYR A 20 -1.20 1.64 -5.19
N ASP A 21 -2.12 0.79 -5.55
CA ASP A 21 -2.47 0.65 -6.99
C ASP A 21 -3.09 1.93 -7.55
N LEU A 22 -4.08 2.47 -6.88
CA LEU A 22 -4.70 3.72 -7.42
C LEU A 22 -3.67 4.86 -7.42
N CYS A 23 -3.08 5.05 -6.27
CA CYS A 23 -2.03 6.09 -5.97
C CYS A 23 -1.03 6.30 -7.11
N ILE A 24 -0.85 5.26 -7.87
CA ILE A 24 0.11 5.33 -9.01
C ILE A 24 -0.42 6.20 -10.15
N ARG A 25 -0.45 7.47 -9.88
CA ARG A 25 -0.93 8.42 -10.91
C ARG A 25 0.34 8.64 -11.73
N CYS A 26 0.88 7.59 -12.33
CA CYS A 26 2.14 7.77 -13.13
C CYS A 26 1.89 8.71 -14.32
N GLN A 27 0.68 9.18 -14.39
CA GLN A 27 0.25 10.10 -15.46
C GLN A 27 0.03 11.46 -14.79
N GLY A 28 0.07 12.51 -15.55
CA GLY A 28 -0.12 13.89 -14.96
C GLY A 28 0.68 14.08 -13.66
N LYS A 29 0.07 13.77 -12.54
CA LYS A 29 0.73 13.91 -11.20
C LYS A 29 2.18 13.39 -11.27
N TRP A 30 2.39 12.26 -11.90
CA TRP A 30 3.78 11.70 -12.01
C TRP A 30 4.19 11.71 -13.50
N ALA A 31 3.85 12.75 -14.19
CA ALA A 31 4.18 12.88 -15.64
C ALA A 31 5.70 12.90 -15.89
N GLY A 32 6.24 11.72 -15.82
CA GLY A 32 7.70 11.57 -16.04
C GLY A 32 8.41 11.17 -14.77
N LYS A 33 7.61 10.87 -13.79
CA LYS A 33 8.11 10.45 -12.46
C LYS A 33 7.78 8.93 -12.40
N ARG A 34 7.58 8.36 -13.57
CA ARG A 34 7.25 6.90 -13.67
C ARG A 34 8.34 6.09 -12.96
N GLY A 35 8.05 4.87 -12.56
CA GLY A 35 9.11 4.07 -11.86
C GLY A 35 9.02 4.42 -10.39
N LYS A 36 9.00 5.72 -10.16
CA LYS A 36 8.91 6.24 -8.78
C LYS A 36 7.42 6.30 -8.48
N CYS A 37 6.57 6.72 -9.40
CA CYS A 37 5.07 6.76 -9.12
C CYS A 37 4.74 5.44 -8.45
N ALA A 38 5.39 4.48 -9.06
CA ALA A 38 5.25 3.09 -8.63
C ALA A 38 5.94 2.86 -7.29
N ALA A 39 7.26 2.93 -7.27
CA ALA A 39 8.01 2.71 -5.99
C ALA A 39 7.29 3.39 -4.81
N HIS A 40 7.15 4.68 -5.01
CA HIS A 40 6.49 5.60 -4.04
C HIS A 40 5.27 4.94 -3.42
N CYS A 41 4.38 4.63 -4.31
CA CYS A 41 3.10 4.00 -3.87
C CYS A 41 3.32 2.59 -3.32
N ILE A 42 4.30 1.88 -3.81
CA ILE A 42 4.51 0.50 -3.26
C ILE A 42 4.93 0.61 -1.79
N ILE A 43 5.67 1.64 -1.49
CA ILE A 43 6.12 1.82 -0.09
C ILE A 43 4.87 1.89 0.79
N GLN A 44 3.75 2.23 0.19
CA GLN A 44 2.51 2.32 1.01
C GLN A 44 1.96 0.91 1.30
N LYS A 45 1.69 0.13 0.28
CA LYS A 45 1.15 -1.27 0.51
C LYS A 45 2.06 -2.05 1.43
N ASN A 46 3.30 -1.63 1.54
CA ASN A 46 4.20 -2.38 2.46
C ASN A 46 4.09 -1.73 3.83
N ASN A 47 4.45 -0.47 3.94
CA ASN A 47 4.37 0.23 5.27
C ASN A 47 3.11 -0.14 6.05
N CYS A 48 2.00 -0.23 5.35
CA CYS A 48 0.71 -0.59 6.01
C CYS A 48 0.86 -1.89 6.81
N LYS A 49 1.55 -2.84 6.23
CA LYS A 49 1.76 -4.16 6.93
C LYS A 49 2.44 -3.94 8.30
N GLY A 50 2.95 -2.76 8.51
CA GLY A 50 3.63 -2.41 9.79
C GLY A 50 2.74 -1.44 10.57
N LYS A 51 1.47 -1.48 10.28
CA LYS A 51 0.48 -0.59 10.95
C LYS A 51 -0.42 -1.43 11.87
N CYS A 52 -1.35 -2.15 11.29
CA CYS A 52 -2.29 -3.00 12.10
C CYS A 52 -1.93 -4.49 12.10
N LYS A 53 -1.07 -4.84 11.18
CA LYS A 53 -0.66 -6.26 11.10
C LYS A 53 0.59 -6.33 11.95
N LYS A 54 0.69 -7.43 12.64
CA LYS A 54 1.85 -7.68 13.56
C LYS A 54 2.86 -8.65 12.93
N GLU A 55 2.56 -9.02 11.72
CA GLU A 55 3.42 -9.96 10.92
C GLU A 55 3.39 -9.57 9.43
N ALA A 1 7.96 -20.23 3.87
CA ALA A 1 6.49 -20.02 3.77
C ALA A 1 6.11 -18.66 4.38
N SER A 2 4.91 -18.22 4.14
CA SER A 2 4.44 -16.90 4.68
C SER A 2 3.29 -17.13 5.67
N ALA A 3 3.22 -16.34 6.70
CA ALA A 3 2.12 -16.51 7.71
C ALA A 3 1.00 -15.55 7.30
N THR A 4 -0.10 -16.11 6.90
CA THR A 4 -1.27 -15.29 6.47
C THR A 4 -1.99 -14.54 7.60
N TRP A 5 -1.37 -13.46 8.00
CA TRP A 5 -1.95 -12.61 9.10
C TRP A 5 -2.81 -11.48 8.50
N GLY A 6 -2.69 -11.31 7.20
CA GLY A 6 -3.46 -10.25 6.48
C GLY A 6 -4.96 -10.22 6.78
N ALA A 7 -5.52 -11.35 7.09
CA ALA A 7 -6.99 -11.42 7.39
C ALA A 7 -7.30 -11.23 8.87
N ALA A 8 -6.29 -10.87 9.61
CA ALA A 8 -6.47 -10.64 11.08
C ALA A 8 -6.57 -9.13 11.27
N TYR A 9 -5.73 -8.41 10.59
CA TYR A 9 -5.72 -6.92 10.69
C TYR A 9 -6.41 -6.16 9.52
N ALA A 11 -8.27 -4.46 7.97
CA ALA A 11 -8.79 -3.08 7.89
C ALA A 11 -7.67 -2.12 7.62
N CYS A 12 -6.46 -2.53 7.85
CA CYS A 12 -5.34 -1.59 7.57
C CYS A 12 -4.60 -2.14 6.35
N GLU A 13 -5.31 -2.92 5.59
CA GLU A 13 -4.76 -3.56 4.35
C GLU A 13 -5.67 -3.13 3.20
N ASN A 14 -6.89 -3.61 3.28
CA ASN A 14 -7.95 -3.31 2.24
C ASN A 14 -7.78 -1.94 1.56
N ASN A 15 -7.58 -0.97 2.40
CA ASN A 15 -7.40 0.45 1.95
C ASN A 15 -6.09 0.61 1.17
N CYS A 16 -5.00 0.80 1.87
CA CYS A 16 -3.66 0.97 1.23
C CYS A 16 -3.37 0.01 0.10
N ARG A 17 -3.99 -1.15 0.15
CA ARG A 17 -3.74 -2.14 -0.92
C ARG A 17 -4.39 -1.57 -2.18
N LYS A 18 -5.65 -1.22 -2.11
CA LYS A 18 -6.28 -0.66 -3.34
C LYS A 18 -5.60 0.69 -3.56
N LYS A 19 -5.38 1.41 -2.49
CA LYS A 19 -4.72 2.75 -2.57
C LYS A 19 -3.42 2.64 -3.36
N TYR A 20 -2.64 1.63 -3.11
CA TYR A 20 -1.35 1.46 -3.86
C TYR A 20 -1.71 1.45 -5.36
N ASP A 21 -2.80 0.80 -5.63
CA ASP A 21 -3.32 0.67 -7.01
C ASP A 21 -4.16 1.88 -7.40
N LEU A 22 -4.50 2.69 -6.44
CA LEU A 22 -5.31 3.92 -6.71
C LEU A 22 -4.45 5.14 -6.41
N CYS A 23 -3.18 4.88 -6.29
CA CYS A 23 -2.17 5.92 -6.00
C CYS A 23 -1.29 6.08 -7.23
N ILE A 24 -0.93 5.00 -7.87
CA ILE A 24 -0.06 5.07 -9.10
C ILE A 24 -0.45 6.10 -10.20
N ARG A 25 -0.28 7.35 -9.87
CA ARG A 25 -0.60 8.47 -10.79
C ARG A 25 0.72 8.67 -11.53
N CYS A 26 1.21 7.59 -12.09
CA CYS A 26 2.50 7.70 -12.83
C CYS A 26 2.35 8.75 -13.93
N GLN A 27 1.11 9.05 -14.16
CA GLN A 27 0.69 10.05 -15.18
C GLN A 27 0.14 11.30 -14.49
N GLY A 28 0.26 12.42 -15.13
CA GLY A 28 -0.27 13.67 -14.50
C GLY A 28 0.61 14.17 -13.37
N LYS A 29 0.56 13.50 -12.24
CA LYS A 29 1.42 13.97 -11.12
C LYS A 29 2.79 13.30 -11.16
N TRP A 30 2.92 12.04 -11.55
CA TRP A 30 4.32 11.46 -11.57
C TRP A 30 4.81 11.53 -13.03
N ALA A 31 4.46 12.62 -13.66
CA ALA A 31 4.80 12.96 -15.08
C ALA A 31 6.29 12.82 -15.43
N GLY A 32 6.67 11.58 -15.50
CA GLY A 32 8.09 11.24 -15.83
C GLY A 32 8.74 10.63 -14.60
N LYS A 33 8.07 10.81 -13.51
CA LYS A 33 8.56 10.29 -12.21
C LYS A 33 8.22 8.79 -12.14
N ARG A 34 7.61 8.29 -13.18
CA ARG A 34 7.21 6.84 -13.30
C ARG A 34 8.17 5.93 -12.52
N GLY A 35 9.43 6.09 -12.87
CA GLY A 35 10.58 5.34 -12.26
C GLY A 35 10.34 5.01 -10.79
N LYS A 36 9.77 5.97 -10.12
CA LYS A 36 9.47 5.82 -8.67
C LYS A 36 7.96 5.87 -8.38
N CYS A 37 7.10 6.31 -9.28
CA CYS A 37 5.62 6.32 -8.95
C CYS A 37 5.25 4.99 -8.34
N ALA A 38 5.71 4.04 -9.11
CA ALA A 38 5.50 2.63 -8.77
C ALA A 38 5.87 2.32 -7.32
N ALA A 39 7.14 2.13 -7.09
CA ALA A 39 7.65 1.83 -5.70
C ALA A 39 6.86 2.65 -4.68
N HIS A 40 6.93 3.93 -4.89
CA HIS A 40 6.23 4.92 -4.01
C HIS A 40 4.83 4.47 -3.60
N CYS A 41 4.07 4.06 -4.57
CA CYS A 41 2.68 3.62 -4.26
C CYS A 41 2.70 2.26 -3.56
N ILE A 42 3.66 1.45 -3.91
CA ILE A 42 3.77 0.08 -3.29
C ILE A 42 4.09 0.22 -1.79
N ILE A 43 5.07 1.04 -1.52
CA ILE A 43 5.52 1.30 -0.13
C ILE A 43 4.32 1.53 0.77
N GLN A 44 3.24 1.97 0.17
CA GLN A 44 2.05 2.22 1.01
C GLN A 44 1.34 0.90 1.36
N LYS A 45 1.13 0.03 0.40
CA LYS A 45 0.42 -1.26 0.72
C LYS A 45 1.22 -2.03 1.77
N ASN A 46 2.51 -1.81 1.82
CA ASN A 46 3.35 -2.52 2.82
C ASN A 46 3.45 -1.71 4.12
N ASN A 47 3.83 -0.45 4.01
CA ASN A 47 3.94 0.41 5.23
C ASN A 47 2.68 0.25 6.11
N CYS A 48 1.56 0.39 5.45
CA CYS A 48 0.22 0.25 6.14
C CYS A 48 0.19 -0.90 7.13
N LYS A 49 0.55 -2.05 6.61
CA LYS A 49 0.58 -3.30 7.43
C LYS A 49 1.25 -3.15 8.80
N GLY A 50 2.09 -2.17 8.94
CA GLY A 50 2.81 -1.96 10.26
C GLY A 50 2.51 -0.56 10.81
N LYS A 51 1.40 -0.04 10.37
CA LYS A 51 0.98 1.32 10.81
C LYS A 51 -0.22 1.24 11.75
N CYS A 52 -1.19 0.39 11.50
CA CYS A 52 -2.35 0.36 12.45
C CYS A 52 -2.39 -0.77 13.48
N LYS A 53 -2.76 -1.94 13.04
CA LYS A 53 -2.86 -3.11 13.97
C LYS A 53 -2.09 -4.39 13.60
N LYS A 54 -0.82 -4.43 13.92
CA LYS A 54 0.00 -5.65 13.61
C LYS A 54 0.79 -5.96 14.89
N GLU A 55 0.50 -7.11 15.47
CA GLU A 55 1.22 -7.53 16.72
C GLU A 55 1.85 -8.91 16.55
N ALA A 1 -2.90 -19.42 12.94
CA ALA A 1 -4.24 -19.09 12.35
C ALA A 1 -5.30 -19.01 13.46
N SER A 2 -4.85 -18.57 14.60
CA SER A 2 -5.75 -18.44 15.80
C SER A 2 -5.93 -16.98 16.25
N ALA A 3 -4.92 -16.17 16.02
CA ALA A 3 -5.00 -14.73 16.42
C ALA A 3 -5.34 -13.90 15.19
N THR A 4 -6.48 -14.19 14.63
CA THR A 4 -6.99 -13.48 13.42
C THR A 4 -7.32 -11.99 13.65
N TRP A 5 -6.30 -11.20 13.88
CA TRP A 5 -6.53 -9.74 14.11
C TRP A 5 -5.98 -8.95 12.92
N GLY A 6 -5.59 -9.69 11.91
CA GLY A 6 -5.03 -9.09 10.67
C GLY A 6 -5.99 -9.30 9.49
N ALA A 7 -6.48 -10.51 9.39
CA ALA A 7 -7.43 -10.85 8.30
C ALA A 7 -8.88 -10.60 8.75
N ALA A 8 -9.01 -10.03 9.92
CA ALA A 8 -10.38 -9.74 10.46
C ALA A 8 -10.69 -8.25 10.24
N TYR A 9 -9.66 -7.45 10.37
CA TYR A 9 -9.76 -5.97 10.19
C TYR A 9 -9.20 -5.46 8.80
N ALA A 11 -9.08 -3.32 6.58
CA ALA A 11 -9.34 -1.91 6.24
C ALA A 11 -7.99 -1.23 6.43
N CYS A 12 -7.65 -0.97 7.66
CA CYS A 12 -6.34 -0.30 7.96
C CYS A 12 -5.21 -0.87 7.10
N GLU A 13 -5.30 -2.12 6.75
CA GLU A 13 -4.23 -2.74 5.90
C GLU A 13 -4.62 -2.86 4.42
N ASN A 14 -5.88 -2.84 4.10
CA ASN A 14 -6.24 -2.96 2.64
C ASN A 14 -6.30 -1.59 2.02
N ASN A 15 -6.50 -0.59 2.83
CA ASN A 15 -6.57 0.80 2.30
C ASN A 15 -5.29 1.05 1.51
N CYS A 16 -4.16 0.73 2.07
CA CYS A 16 -2.90 0.98 1.30
C CYS A 16 -2.70 -0.11 0.26
N ARG A 17 -3.27 -1.26 0.48
CA ARG A 17 -3.09 -2.35 -0.53
C ARG A 17 -3.71 -1.87 -1.83
N LYS A 18 -4.86 -1.29 -1.66
CA LYS A 18 -5.60 -0.76 -2.83
C LYS A 18 -4.91 0.54 -3.21
N LYS A 19 -4.86 1.49 -2.30
CA LYS A 19 -4.19 2.80 -2.61
C LYS A 19 -2.92 2.59 -3.43
N TYR A 20 -2.03 1.71 -3.02
CA TYR A 20 -0.78 1.46 -3.80
C TYR A 20 -1.12 1.34 -5.30
N ASP A 21 -2.13 0.56 -5.53
CA ASP A 21 -2.65 0.27 -6.90
C ASP A 21 -3.48 1.45 -7.43
N LEU A 22 -3.94 2.26 -6.54
CA LEU A 22 -4.77 3.46 -6.91
C LEU A 22 -3.95 4.75 -6.67
N CYS A 23 -2.66 4.56 -6.57
CA CYS A 23 -1.71 5.69 -6.33
C CYS A 23 -0.73 5.78 -7.51
N ILE A 24 -0.52 4.68 -8.20
CA ILE A 24 0.42 4.70 -9.37
C ILE A 24 -0.17 5.44 -10.59
N ARG A 25 -0.32 6.72 -10.40
CA ARG A 25 -0.88 7.56 -11.49
C ARG A 25 0.40 8.10 -12.11
N CYS A 26 1.14 7.16 -12.63
CA CYS A 26 2.44 7.54 -13.28
C CYS A 26 2.19 8.48 -14.47
N GLN A 27 0.93 8.73 -14.70
CA GLN A 27 0.48 9.59 -15.79
C GLN A 27 -0.12 10.86 -15.16
N GLY A 28 -0.04 11.97 -15.83
CA GLY A 28 -0.62 13.23 -15.25
C GLY A 28 -0.05 13.51 -13.85
N LYS A 29 -0.72 13.00 -12.84
CA LYS A 29 -0.29 13.18 -11.41
C LYS A 29 1.22 13.00 -11.29
N TRP A 30 1.70 11.90 -11.77
CA TRP A 30 3.17 11.64 -11.70
C TRP A 30 3.80 11.79 -13.10
N ALA A 31 3.33 12.75 -13.85
CA ALA A 31 3.85 12.99 -15.24
C ALA A 31 5.34 13.30 -15.25
N GLY A 32 6.08 12.24 -15.12
CA GLY A 32 7.57 12.36 -15.11
C GLY A 32 8.08 11.89 -13.76
N LYS A 33 7.18 11.85 -12.81
CA LYS A 33 7.55 11.41 -11.44
C LYS A 33 7.53 9.87 -11.45
N ARG A 34 7.20 9.32 -12.61
CA ARG A 34 7.14 7.82 -12.85
C ARG A 34 8.15 7.12 -11.93
N GLY A 35 9.38 7.58 -12.06
CA GLY A 35 10.56 7.08 -11.30
C GLY A 35 10.20 6.56 -9.92
N LYS A 36 9.30 7.25 -9.30
CA LYS A 36 8.82 6.87 -7.94
C LYS A 36 7.31 6.62 -7.93
N CYS A 37 6.56 6.93 -8.98
CA CYS A 37 5.06 6.68 -8.97
C CYS A 37 4.90 5.25 -8.50
N ALA A 38 5.86 4.50 -8.96
CA ALA A 38 5.88 3.09 -8.61
C ALA A 38 6.37 2.84 -7.19
N ALA A 39 7.65 2.77 -7.00
CA ALA A 39 8.22 2.55 -5.63
C ALA A 39 7.34 3.16 -4.53
N HIS A 40 7.18 4.44 -4.66
CA HIS A 40 6.36 5.22 -3.69
C HIS A 40 5.03 4.56 -3.37
N CYS A 41 4.32 4.21 -4.40
CA CYS A 41 3.02 3.57 -4.18
C CYS A 41 3.18 2.15 -3.65
N ILE A 42 4.06 1.38 -4.23
CA ILE A 42 4.20 -0.01 -3.71
C ILE A 42 4.56 0.03 -2.22
N ILE A 43 5.48 0.89 -1.88
CA ILE A 43 5.92 1.02 -0.47
C ILE A 43 4.72 1.05 0.45
N GLN A 44 3.61 1.51 -0.08
CA GLN A 44 2.43 1.53 0.81
C GLN A 44 1.84 0.17 1.08
N LYS A 45 1.71 -0.67 0.09
CA LYS A 45 1.12 -2.01 0.38
C LYS A 45 1.99 -2.78 1.36
N ASN A 46 3.25 -2.46 1.42
CA ASN A 46 4.10 -3.20 2.40
C ASN A 46 4.05 -2.35 3.68
N ASN A 47 4.54 -1.14 3.62
CA ASN A 47 4.53 -0.23 4.83
C ASN A 47 3.28 -0.46 5.72
N CYS A 48 2.14 -0.46 5.08
CA CYS A 48 0.83 -0.68 5.79
C CYS A 48 0.91 -1.85 6.78
N LYS A 49 1.44 -2.95 6.29
CA LYS A 49 1.58 -4.17 7.15
C LYS A 49 2.38 -3.92 8.44
N GLY A 50 3.03 -2.79 8.52
CA GLY A 50 3.83 -2.44 9.74
C GLY A 50 3.19 -1.27 10.48
N LYS A 51 1.97 -0.96 10.13
CA LYS A 51 1.22 0.16 10.77
C LYS A 51 0.23 -0.43 11.78
N CYS A 52 -0.78 -1.10 11.30
CA CYS A 52 -1.79 -1.69 12.22
C CYS A 52 -1.61 -3.21 12.44
N LYS A 53 -0.80 -3.86 11.66
CA LYS A 53 -0.63 -5.34 11.86
C LYS A 53 0.59 -5.55 12.72
N LYS A 54 0.54 -6.61 13.49
CA LYS A 54 1.68 -6.93 14.40
C LYS A 54 2.46 -8.19 14.00
N GLU A 55 3.76 -8.05 13.93
CA GLU A 55 4.64 -9.20 13.55
C GLU A 55 5.64 -9.50 14.68
N ALA A 1 -6.33 -20.85 17.95
CA ALA A 1 -6.72 -20.44 19.33
C ALA A 1 -6.97 -18.92 19.40
N SER A 2 -5.91 -18.17 19.23
CA SER A 2 -6.01 -16.68 19.26
C SER A 2 -5.59 -16.11 17.90
N ALA A 3 -6.24 -16.59 16.88
CA ALA A 3 -5.94 -16.12 15.49
C ALA A 3 -6.97 -15.09 15.00
N THR A 4 -7.87 -14.72 15.85
CA THR A 4 -8.94 -13.73 15.50
C THR A 4 -8.45 -12.28 15.64
N TRP A 5 -7.43 -11.96 14.89
CA TRP A 5 -6.85 -10.58 14.92
C TRP A 5 -6.94 -9.93 13.53
N GLY A 6 -6.15 -10.43 12.61
CA GLY A 6 -6.16 -9.87 11.22
C GLY A 6 -7.49 -10.13 10.54
N ALA A 7 -8.28 -10.98 11.16
CA ALA A 7 -9.61 -11.31 10.57
C ALA A 7 -10.58 -10.22 11.02
N ALA A 8 -10.11 -9.37 11.90
CA ALA A 8 -10.93 -8.25 12.44
C ALA A 8 -10.57 -6.92 11.76
N TYR A 9 -9.32 -6.54 11.89
CA TYR A 9 -8.88 -5.25 11.27
C TYR A 9 -8.08 -5.23 9.94
N ALA A 11 -8.61 -4.19 7.08
CA ALA A 11 -8.86 -2.93 6.32
C ALA A 11 -7.55 -2.15 6.15
N CYS A 12 -6.87 -2.09 7.27
CA CYS A 12 -5.55 -1.39 7.43
C CYS A 12 -4.55 -1.79 6.33
N GLU A 13 -4.77 -2.95 5.79
CA GLU A 13 -3.89 -3.51 4.71
C GLU A 13 -4.59 -3.56 3.33
N ASN A 14 -5.84 -3.20 3.25
CA ASN A 14 -6.56 -3.23 1.92
C ASN A 14 -6.37 -1.87 1.27
N ASN A 15 -6.48 -0.93 2.13
CA ASN A 15 -6.35 0.52 1.85
C ASN A 15 -5.03 0.70 1.11
N CYS A 16 -3.96 0.26 1.72
CA CYS A 16 -2.62 0.40 1.09
C CYS A 16 -2.37 -0.49 -0.13
N ARG A 17 -3.31 -1.34 -0.43
CA ARG A 17 -3.10 -2.23 -1.64
C ARG A 17 -3.92 -1.58 -2.76
N LYS A 18 -5.18 -1.37 -2.49
CA LYS A 18 -6.05 -0.75 -3.51
C LYS A 18 -5.47 0.65 -3.73
N LYS A 19 -5.09 1.34 -2.67
CA LYS A 19 -4.52 2.71 -2.83
C LYS A 19 -3.33 2.58 -3.77
N TYR A 20 -2.37 1.74 -3.45
CA TYR A 20 -1.17 1.54 -4.33
C TYR A 20 -1.65 1.44 -5.77
N ASP A 21 -2.49 0.48 -5.98
CA ASP A 21 -3.03 0.27 -7.34
C ASP A 21 -3.94 1.39 -7.85
N LEU A 22 -4.43 2.20 -6.96
CA LEU A 22 -5.33 3.34 -7.36
C LEU A 22 -4.60 4.67 -7.15
N CYS A 23 -3.33 4.55 -6.84
CA CYS A 23 -2.48 5.74 -6.60
C CYS A 23 -1.34 5.83 -7.60
N ILE A 24 -0.89 4.72 -8.14
CA ILE A 24 0.22 4.85 -9.12
C ILE A 24 -0.33 5.49 -10.41
N ARG A 25 -0.38 6.79 -10.34
CA ARG A 25 -0.85 7.62 -11.46
C ARG A 25 0.48 8.05 -12.03
N CYS A 26 1.27 7.09 -12.41
CA CYS A 26 2.60 7.48 -12.98
C CYS A 26 2.43 8.15 -14.35
N GLN A 27 1.21 8.55 -14.63
CA GLN A 27 0.87 9.20 -15.91
C GLN A 27 0.35 10.59 -15.48
N GLY A 28 0.36 11.55 -16.36
CA GLY A 28 -0.13 12.94 -16.01
C GLY A 28 0.30 13.37 -14.60
N LYS A 29 -0.47 13.04 -13.60
CA LYS A 29 -0.15 13.42 -12.19
C LYS A 29 1.37 13.25 -11.95
N TRP A 30 1.89 12.13 -12.39
CA TRP A 30 3.36 11.87 -12.21
C TRP A 30 3.98 11.77 -13.60
N ALA A 31 3.63 12.68 -14.48
CA ALA A 31 4.18 12.69 -15.87
C ALA A 31 5.69 12.84 -15.95
N GLY A 32 6.33 11.75 -15.64
CA GLY A 32 7.83 11.73 -15.66
C GLY A 32 8.34 11.50 -14.26
N LYS A 33 7.42 11.55 -13.33
CA LYS A 33 7.76 11.33 -11.90
C LYS A 33 7.54 9.83 -11.63
N ARG A 34 7.13 9.13 -12.67
CA ARG A 34 6.86 7.66 -12.66
C ARG A 34 7.70 6.85 -11.65
N GLY A 35 9.00 6.85 -11.87
CA GLY A 35 9.98 6.12 -10.98
C GLY A 35 9.80 6.39 -9.48
N LYS A 36 9.08 7.44 -9.22
CA LYS A 36 8.80 7.87 -7.83
C LYS A 36 7.30 7.66 -7.55
N CYS A 37 6.43 7.83 -8.53
CA CYS A 37 4.95 7.62 -8.28
C CYS A 37 4.81 6.26 -7.69
N ALA A 38 5.48 5.39 -8.39
CA ALA A 38 5.45 4.00 -7.97
C ALA A 38 6.01 3.76 -6.59
N ALA A 39 7.31 3.80 -6.48
CA ALA A 39 7.96 3.58 -5.14
C ALA A 39 7.10 4.15 -4.03
N HIS A 40 6.86 5.41 -4.20
CA HIS A 40 6.03 6.15 -3.22
C HIS A 40 4.79 5.37 -2.85
N CYS A 41 4.03 5.03 -3.85
CA CYS A 41 2.79 4.27 -3.55
C CYS A 41 2.96 2.78 -3.60
N ILE A 42 4.14 2.35 -3.30
CA ILE A 42 4.43 0.89 -3.32
C ILE A 42 4.94 0.52 -1.92
N ILE A 43 5.83 1.35 -1.44
CA ILE A 43 6.43 1.12 -0.10
C ILE A 43 5.31 1.18 0.93
N GLN A 44 4.15 1.56 0.49
CA GLN A 44 2.98 1.65 1.42
C GLN A 44 2.52 0.20 1.54
N LYS A 45 2.07 -0.36 0.45
CA LYS A 45 1.60 -1.79 0.42
C LYS A 45 2.51 -2.63 1.33
N ASN A 46 3.79 -2.37 1.26
CA ASN A 46 4.74 -3.14 2.11
C ASN A 46 5.07 -2.52 3.48
N ASN A 47 4.97 -1.22 3.64
CA ASN A 47 5.27 -0.60 4.98
C ASN A 47 4.01 -0.48 5.84
N CYS A 48 2.89 -0.69 5.23
CA CYS A 48 1.57 -0.62 5.94
C CYS A 48 1.47 -1.93 6.72
N LYS A 49 1.69 -3.00 5.99
CA LYS A 49 1.67 -4.40 6.53
C LYS A 49 2.01 -4.41 8.02
N GLY A 50 3.21 -3.94 8.30
CA GLY A 50 3.75 -3.85 9.71
C GLY A 50 2.72 -3.52 10.81
N LYS A 51 1.78 -2.68 10.48
CA LYS A 51 0.72 -2.28 11.46
C LYS A 51 -0.60 -2.97 11.10
N CYS A 52 -0.65 -3.42 9.89
CA CYS A 52 -1.85 -4.12 9.37
C CYS A 52 -1.60 -5.62 9.40
N LYS A 53 -1.48 -6.12 10.59
CA LYS A 53 -1.24 -7.57 10.90
C LYS A 53 0.27 -7.84 10.89
N LYS A 54 0.58 -9.09 11.15
CA LYS A 54 2.00 -9.55 11.18
C LYS A 54 2.18 -10.54 10.02
N GLU A 55 1.15 -10.61 9.20
CA GLU A 55 1.13 -11.50 8.02
C GLU A 55 0.68 -10.66 6.82
N ALA A 1 -7.18 -23.51 7.98
CA ALA A 1 -7.75 -23.21 9.33
C ALA A 1 -6.65 -23.30 10.40
N SER A 2 -5.49 -22.83 10.02
CA SER A 2 -4.31 -22.85 10.94
C SER A 2 -3.97 -21.40 11.34
N ALA A 3 -3.43 -21.26 12.54
CA ALA A 3 -3.02 -19.93 13.12
C ALA A 3 -2.82 -18.80 12.09
N THR A 4 -3.86 -18.03 11.87
CA THR A 4 -3.78 -16.90 10.91
C THR A 4 -4.19 -15.58 11.60
N TRP A 5 -3.28 -14.66 11.68
CA TRP A 5 -3.57 -13.34 12.32
C TRP A 5 -3.05 -12.30 11.32
N GLY A 6 -3.98 -11.56 10.80
CA GLY A 6 -3.65 -10.49 9.80
C GLY A 6 -4.46 -10.80 8.54
N ALA A 7 -4.88 -12.03 8.39
CA ALA A 7 -5.68 -12.42 7.18
C ALA A 7 -7.20 -12.26 7.42
N ALA A 8 -7.54 -11.89 8.62
CA ALA A 8 -8.98 -11.70 9.00
C ALA A 8 -9.46 -10.23 9.03
N TYR A 9 -8.54 -9.30 9.16
CA TYR A 9 -8.92 -7.84 9.21
C TYR A 9 -8.75 -6.91 7.96
N ALA A 11 -9.14 -4.29 6.18
CA ALA A 11 -9.73 -2.93 6.08
C ALA A 11 -8.54 -1.99 6.31
N CYS A 12 -8.17 -1.88 7.56
CA CYS A 12 -7.02 -0.99 7.96
C CYS A 12 -5.79 -1.25 7.10
N GLU A 13 -5.62 -2.46 6.64
CA GLU A 13 -4.43 -2.77 5.79
C GLU A 13 -4.82 -2.88 4.32
N ASN A 14 -6.09 -2.89 4.02
CA ASN A 14 -6.48 -3.00 2.58
C ASN A 14 -6.63 -1.59 2.00
N ASN A 15 -7.07 -0.70 2.82
CA ASN A 15 -7.27 0.73 2.41
C ASN A 15 -5.97 1.19 1.74
N CYS A 16 -4.88 0.83 2.36
CA CYS A 16 -3.52 1.18 1.88
C CYS A 16 -3.14 0.39 0.63
N ARG A 17 -3.79 -0.74 0.42
CA ARG A 17 -3.42 -1.53 -0.79
C ARG A 17 -4.12 -0.80 -1.93
N LYS A 18 -5.39 -0.54 -1.74
CA LYS A 18 -6.13 0.19 -2.80
C LYS A 18 -5.34 1.50 -2.97
N LYS A 19 -5.10 2.16 -1.86
CA LYS A 19 -4.32 3.44 -1.87
C LYS A 19 -3.11 3.27 -2.78
N TYR A 20 -2.29 2.29 -2.50
CA TYR A 20 -1.09 2.03 -3.34
C TYR A 20 -1.49 1.88 -4.81
N ASP A 21 -2.56 1.19 -5.04
CA ASP A 21 -3.04 0.98 -6.43
C ASP A 21 -3.72 2.23 -6.99
N LEU A 22 -4.02 3.16 -6.12
CA LEU A 22 -4.69 4.43 -6.55
C LEU A 22 -3.72 5.62 -6.49
N CYS A 23 -2.62 5.42 -5.82
CA CYS A 23 -1.60 6.50 -5.68
C CYS A 23 -0.62 6.44 -6.86
N ILE A 24 -0.64 5.31 -7.52
CA ILE A 24 0.27 5.10 -8.69
C ILE A 24 -0.17 5.92 -9.92
N ARG A 25 -0.08 7.21 -9.72
CA ARG A 25 -0.45 8.19 -10.76
C ARG A 25 0.74 8.36 -11.67
N CYS A 26 1.23 7.26 -12.20
CA CYS A 26 2.43 7.33 -13.11
C CYS A 26 2.07 8.12 -14.39
N GLN A 27 0.89 8.70 -14.39
CA GLN A 27 0.40 9.49 -15.52
C GLN A 27 0.12 10.88 -14.95
N GLY A 28 0.29 11.89 -15.77
CA GLY A 28 0.04 13.29 -15.30
C GLY A 28 0.86 13.60 -14.04
N LYS A 29 0.31 13.28 -12.89
CA LYS A 29 0.97 13.51 -11.57
C LYS A 29 2.45 13.08 -11.65
N TRP A 30 2.66 11.88 -12.15
CA TRP A 30 4.06 11.36 -12.26
C TRP A 30 4.39 11.31 -13.76
N ALA A 31 4.06 12.35 -14.48
CA ALA A 31 4.32 12.43 -15.95
C ALA A 31 5.77 12.12 -16.37
N GLY A 32 6.07 10.86 -16.32
CA GLY A 32 7.43 10.38 -16.69
C GLY A 32 8.12 9.84 -15.46
N LYS A 33 7.55 10.12 -14.33
CA LYS A 33 8.11 9.65 -13.03
C LYS A 33 7.44 8.28 -12.82
N ARG A 34 7.54 7.49 -13.86
CA ARG A 34 6.93 6.13 -13.80
C ARG A 34 8.02 5.26 -13.14
N GLY A 35 7.71 4.13 -12.56
CA GLY A 35 8.80 3.30 -11.92
C GLY A 35 8.86 3.86 -10.50
N LYS A 36 9.00 5.16 -10.48
CA LYS A 36 9.07 5.93 -9.21
C LYS A 36 7.63 6.05 -8.67
N CYS A 37 6.67 6.42 -9.50
CA CYS A 37 5.26 6.54 -8.95
C CYS A 37 4.89 5.21 -8.35
N ALA A 38 5.44 4.23 -9.01
CA ALA A 38 5.18 2.86 -8.56
C ALA A 38 5.82 2.62 -7.20
N ALA A 39 7.12 2.59 -7.16
CA ALA A 39 7.83 2.38 -5.86
C ALA A 39 7.13 3.17 -4.74
N HIS A 40 7.05 4.45 -4.99
CA HIS A 40 6.40 5.39 -4.05
C HIS A 40 5.06 4.89 -3.51
N CYS A 41 4.24 4.38 -4.37
CA CYS A 41 2.92 3.89 -3.88
C CYS A 41 3.03 2.56 -3.16
N ILE A 42 3.85 1.71 -3.72
CA ILE A 42 4.03 0.37 -3.09
C ILE A 42 4.42 0.53 -1.60
N ILE A 43 5.29 1.48 -1.37
CA ILE A 43 5.76 1.76 0.03
C ILE A 43 4.56 1.90 0.97
N GLN A 44 3.47 2.33 0.39
CA GLN A 44 2.26 2.52 1.25
C GLN A 44 1.53 1.21 1.52
N LYS A 45 1.69 0.25 0.64
CA LYS A 45 1.01 -1.08 0.83
C LYS A 45 1.86 -1.88 1.80
N ASN A 46 3.12 -1.51 1.87
CA ASN A 46 4.02 -2.25 2.80
C ASN A 46 3.92 -1.50 4.14
N ASN A 47 4.24 -0.22 4.15
CA ASN A 47 4.18 0.61 5.40
C ASN A 47 3.01 0.18 6.31
N CYS A 48 1.82 0.21 5.74
CA CYS A 48 0.57 -0.18 6.48
C CYS A 48 0.75 -1.51 7.25
N LYS A 49 1.40 -2.47 6.61
CA LYS A 49 1.62 -3.81 7.27
C LYS A 49 2.32 -3.70 8.64
N GLY A 50 2.91 -2.56 8.88
CA GLY A 50 3.63 -2.30 10.16
C GLY A 50 2.84 -1.28 11.00
N LYS A 51 1.57 -1.18 10.70
CA LYS A 51 0.66 -0.24 11.42
C LYS A 51 -0.36 -1.09 12.18
N CYS A 52 -1.29 -1.73 11.48
CA CYS A 52 -2.31 -2.57 12.19
C CYS A 52 -2.01 -4.09 12.10
N LYS A 53 -0.93 -4.47 11.46
CA LYS A 53 -0.61 -5.94 11.34
C LYS A 53 0.46 -6.32 12.37
N LYS A 54 0.16 -7.39 13.06
CA LYS A 54 1.08 -7.93 14.10
C LYS A 54 2.41 -8.43 13.53
N GLU A 55 3.25 -7.49 13.22
CA GLU A 55 4.60 -7.81 12.65
C GLU A 55 5.68 -7.60 13.74
N ALA A 1 -10.57 -21.27 14.13
CA ALA A 1 -11.02 -20.80 15.47
C ALA A 1 -9.92 -21.13 16.50
N SER A 2 -8.74 -20.64 16.24
CA SER A 2 -7.60 -20.89 17.17
C SER A 2 -6.61 -19.73 16.96
N ALA A 3 -5.62 -19.95 16.15
CA ALA A 3 -4.60 -18.89 15.88
C ALA A 3 -5.17 -18.14 14.66
N THR A 4 -6.38 -17.70 14.86
CA THR A 4 -7.14 -16.95 13.83
C THR A 4 -7.44 -15.52 14.31
N TRP A 5 -6.50 -14.61 14.13
CA TRP A 5 -6.68 -13.19 14.56
C TRP A 5 -6.47 -12.15 13.44
N GLY A 6 -6.21 -12.58 12.23
CA GLY A 6 -5.99 -11.57 11.14
C GLY A 6 -7.10 -11.52 10.11
N ALA A 7 -8.19 -12.18 10.38
CA ALA A 7 -9.32 -12.16 9.39
C ALA A 7 -10.30 -11.01 9.67
N ALA A 8 -10.12 -10.33 10.76
CA ALA A 8 -11.02 -9.20 11.10
C ALA A 8 -10.39 -7.84 10.79
N TYR A 9 -9.07 -7.82 10.71
CA TYR A 9 -8.38 -6.52 10.40
C TYR A 9 -7.85 -6.19 8.99
N ALA A 11 -8.38 -4.96 6.32
CA ALA A 11 -8.73 -3.62 5.79
C ALA A 11 -7.55 -2.67 6.03
N CYS A 12 -6.96 -2.86 7.19
CA CYS A 12 -5.79 -2.05 7.64
C CYS A 12 -4.60 -2.05 6.65
N GLU A 13 -4.64 -2.94 5.69
CA GLU A 13 -3.57 -3.07 4.65
C GLU A 13 -4.22 -2.81 3.27
N ASN A 14 -5.37 -3.42 3.14
CA ASN A 14 -6.15 -3.29 1.87
C ASN A 14 -6.27 -1.80 1.57
N ASN A 15 -6.48 -1.06 2.62
CA ASN A 15 -6.62 0.42 2.53
C ASN A 15 -5.42 0.97 1.78
N CYS A 16 -4.24 0.50 2.08
CA CYS A 16 -3.01 1.00 1.40
C CYS A 16 -2.75 0.24 0.09
N ARG A 17 -3.37 -0.91 -0.05
CA ARG A 17 -3.16 -1.69 -1.32
C ARG A 17 -3.97 -0.99 -2.39
N LYS A 18 -5.21 -0.78 -2.06
CA LYS A 18 -6.14 -0.11 -2.99
C LYS A 18 -5.43 1.22 -3.19
N LYS A 19 -5.17 1.91 -2.10
CA LYS A 19 -4.46 3.23 -2.19
C LYS A 19 -3.35 3.17 -3.24
N TYR A 20 -2.34 2.37 -2.99
CA TYR A 20 -1.19 2.24 -3.93
C TYR A 20 -1.68 2.07 -5.36
N ASP A 21 -2.54 1.11 -5.52
CA ASP A 21 -3.09 0.80 -6.85
C ASP A 21 -3.83 1.98 -7.49
N LEU A 22 -4.36 2.82 -6.65
CA LEU A 22 -5.10 4.02 -7.18
C LEU A 22 -4.24 5.29 -7.10
N CYS A 23 -3.14 5.21 -6.40
CA CYS A 23 -2.25 6.41 -6.28
C CYS A 23 -1.13 6.36 -7.30
N ILE A 24 -0.84 5.18 -7.75
CA ILE A 24 0.24 5.01 -8.76
C ILE A 24 -0.23 5.52 -10.12
N ARG A 25 -0.34 6.81 -10.14
CA ARG A 25 -0.77 7.50 -11.37
C ARG A 25 0.53 7.72 -12.11
N CYS A 26 1.19 6.67 -12.53
CA CYS A 26 2.48 6.93 -13.25
C CYS A 26 2.26 7.55 -14.64
N GLN A 27 1.10 8.12 -14.81
CA GLN A 27 0.71 8.78 -16.08
C GLN A 27 0.48 10.24 -15.71
N GLY A 28 0.03 11.07 -16.63
CA GLY A 28 -0.23 12.54 -16.34
C GLY A 28 0.32 13.04 -15.00
N LYS A 29 -0.40 12.75 -13.94
CA LYS A 29 0.03 13.18 -12.55
C LYS A 29 1.55 12.96 -12.37
N TRP A 30 2.01 11.77 -12.67
CA TRP A 30 3.47 11.45 -12.54
C TRP A 30 4.06 11.31 -13.95
N ALA A 31 3.62 12.14 -14.86
CA ALA A 31 4.11 12.11 -16.28
C ALA A 31 5.63 12.25 -16.39
N GLY A 32 6.29 11.17 -16.09
CA GLY A 32 7.78 11.18 -16.16
C GLY A 32 8.37 11.17 -14.77
N LYS A 33 7.47 11.29 -13.83
CA LYS A 33 7.84 11.29 -12.39
C LYS A 33 7.83 9.81 -12.00
N ARG A 34 7.47 8.99 -12.97
CA ARG A 34 7.38 7.51 -12.82
C ARG A 34 8.39 7.00 -11.80
N GLY A 35 9.59 7.53 -11.94
CA GLY A 35 10.74 7.19 -11.04
C GLY A 35 10.26 6.76 -9.67
N LYS A 36 9.30 7.49 -9.17
CA LYS A 36 8.74 7.15 -7.84
C LYS A 36 7.21 7.02 -7.78
N CYS A 37 6.49 7.15 -8.87
CA CYS A 37 4.97 7.02 -8.79
C CYS A 37 4.66 5.82 -7.95
N ALA A 38 5.39 4.84 -8.38
CA ALA A 38 5.28 3.54 -7.75
C ALA A 38 5.93 3.47 -6.41
N ALA A 39 7.24 3.43 -6.40
CA ALA A 39 8.01 3.37 -5.12
C ALA A 39 7.21 4.07 -4.02
N HIS A 40 7.02 5.34 -4.27
CA HIS A 40 6.27 6.19 -3.32
C HIS A 40 5.08 5.47 -2.74
N CYS A 41 4.22 4.96 -3.56
CA CYS A 41 3.04 4.26 -2.97
C CYS A 41 3.19 2.79 -2.70
N ILE A 42 4.21 2.20 -3.23
CA ILE A 42 4.38 0.75 -2.98
C ILE A 42 4.97 0.63 -1.56
N ILE A 43 5.75 1.61 -1.17
CA ILE A 43 6.34 1.55 0.19
C ILE A 43 5.17 1.66 1.19
N GLN A 44 4.07 2.19 0.71
CA GLN A 44 2.86 2.35 1.58
C GLN A 44 2.16 1.00 1.71
N LYS A 45 1.65 0.46 0.62
CA LYS A 45 0.94 -0.87 0.64
C LYS A 45 1.76 -1.92 1.37
N ASN A 46 3.04 -1.66 1.43
CA ASN A 46 3.97 -2.60 2.14
C ASN A 46 4.02 -2.10 3.58
N ASN A 47 4.60 -0.94 3.84
CA ASN A 47 4.68 -0.39 5.24
C ASN A 47 3.47 -0.75 6.09
N CYS A 48 2.33 -0.57 5.46
CA CYS A 48 1.00 -0.86 6.09
C CYS A 48 1.01 -2.23 6.80
N LYS A 49 1.47 -3.21 6.07
CA LYS A 49 1.56 -4.61 6.61
C LYS A 49 2.49 -4.75 7.81
N GLY A 50 3.18 -3.69 8.12
CA GLY A 50 4.14 -3.68 9.27
C GLY A 50 3.58 -2.81 10.39
N LYS A 51 2.32 -2.46 10.25
CA LYS A 51 1.65 -1.62 11.28
C LYS A 51 0.57 -2.45 12.00
N CYS A 52 -0.23 -3.13 11.22
CA CYS A 52 -1.33 -3.99 11.77
C CYS A 52 -1.02 -5.50 11.78
N LYS A 53 -0.30 -5.95 10.80
CA LYS A 53 0.04 -7.40 10.71
C LYS A 53 1.38 -7.67 11.39
N LYS A 54 1.53 -8.91 11.78
CA LYS A 54 2.77 -9.37 12.46
C LYS A 54 3.66 -10.19 11.50
N GLU A 55 3.22 -10.29 10.28
CA GLU A 55 3.98 -11.07 9.23
C GLU A 55 4.05 -10.29 7.90
#